data_3ECN
#
_entry.id   3ECN
#
_cell.length_a   76.325
_cell.length_b   101.601
_cell.length_c   76.573
_cell.angle_alpha   90.00
_cell.angle_beta   119.90
_cell.angle_gamma   90.00
#
_symmetry.space_group_name_H-M   'P 1 21 1'
#
loop_
_entity.id
_entity.type
_entity.pdbx_description
1 polymer "High affinity cAMP-specific and IBMX-insensitive 3',5'-cyclic phosphodiesterase 8A"
2 non-polymer 3-ISOBUTYL-1-METHYLXANTHINE
3 non-polymer 'ZINC ION'
4 non-polymer 'MAGNESIUM ION'
5 water water
#
_entity_poly.entity_id   1
_entity_poly.type   'polypeptide(L)'
_entity_poly.pdbx_seq_one_letter_code
;DDVPPRIARAMENEEYWDFDIFELEAATHNRPLIYLGLKMFARFGICEFLHCSESTLRSWLQIIEANYHSSNPYHNSTHS
ADVLHATAYFLSKERIKETLDPIDEVAALIAATIHDVDHPGRTNSFLCNAGSELAILYNDTAVLESHHAALAFQLTTGDD
KCNIFKNMERNDYRTLRQGIIDMVLATEMTKHFEHVNKFVNSINKPLATLEENGETDKNQEVINTMLRTPENRTLIKRML
IKCADVSNPCRPLQYCIEWAARISEEYFSQTDEEKQQGLPVVMPVFDRNTCSIPKSQISFIDYFITDMFDAWDAFVDLPD
LMQHLDNNFKYWKGLDEM
;
_entity_poly.pdbx_strand_id   A,B
#
loop_
_chem_comp.id
_chem_comp.type
_chem_comp.name
_chem_comp.formula
IBM non-polymer 3-ISOBUTYL-1-METHYLXANTHINE 'C10 H14 N4 O2'
MG non-polymer 'MAGNESIUM ION' 'Mg 2'
ZN non-polymer 'ZINC ION' 'Zn 2'
#
# COMPACT_ATOMS: atom_id res chain seq x y z
N ASP A 1 25.26 29.94 -5.71
CA ASP A 1 26.18 31.04 -6.15
C ASP A 1 26.60 31.87 -4.95
N ASP A 2 25.85 32.93 -4.67
CA ASP A 2 26.14 33.81 -3.54
C ASP A 2 25.66 33.20 -2.23
N VAL A 3 26.58 32.61 -1.47
CA VAL A 3 26.23 31.99 -0.20
C VAL A 3 27.10 32.54 0.92
N PRO A 4 26.49 32.90 2.06
CA PRO A 4 27.29 33.44 3.15
C PRO A 4 28.51 32.58 3.43
N PRO A 5 29.66 33.23 3.71
CA PRO A 5 30.95 32.58 3.98
C PRO A 5 30.90 31.37 4.91
N ARG A 6 30.36 31.56 6.11
CA ARG A 6 30.29 30.48 7.07
C ARG A 6 29.60 29.24 6.51
N ILE A 7 28.50 29.46 5.78
CA ILE A 7 27.77 28.34 5.21
C ILE A 7 28.60 27.71 4.09
N ALA A 8 29.33 28.55 3.35
CA ALA A 8 30.17 28.06 2.26
C ALA A 8 31.27 27.16 2.83
N ARG A 9 31.79 27.54 3.99
CA ARG A 9 32.83 26.77 4.66
C ARG A 9 32.26 25.48 5.24
N ALA A 10 31.05 25.56 5.78
CA ALA A 10 30.37 24.40 6.36
C ALA A 10 30.15 23.32 5.31
N MET A 11 29.92 23.72 4.08
CA MET A 11 29.71 22.77 2.99
C MET A 11 31.07 22.38 2.44
N GLU A 12 32.05 22.49 3.32
CA GLU A 12 33.45 22.17 3.08
C GLU A 12 33.69 21.07 2.05
N ASN A 13 33.86 19.86 2.55
CA ASN A 13 34.12 18.72 1.71
C ASN A 13 32.97 17.72 1.83
N GLU A 14 31.79 18.12 1.37
CA GLU A 14 30.61 17.27 1.43
C GLU A 14 30.80 15.93 0.71
N GLU A 15 31.94 15.77 0.05
CA GLU A 15 32.24 14.55 -0.68
C GLU A 15 32.87 13.51 0.23
N TYR A 16 33.35 13.95 1.38
CA TYR A 16 33.99 13.05 2.34
C TYR A 16 32.95 12.48 3.29
N TRP A 17 33.22 11.28 3.80
CA TRP A 17 32.30 10.65 4.74
C TRP A 17 32.27 11.47 6.03
N ASP A 18 33.44 11.91 6.47
CA ASP A 18 33.54 12.73 7.69
C ASP A 18 33.09 14.14 7.28
N PHE A 19 31.90 14.55 7.74
CA PHE A 19 31.35 15.84 7.38
C PHE A 19 30.66 16.44 8.61
N ASP A 20 30.90 17.72 8.89
CA ASP A 20 30.28 18.32 10.07
C ASP A 20 28.86 18.83 9.77
N ILE A 21 27.91 17.89 9.77
CA ILE A 21 26.51 18.18 9.47
C ILE A 21 25.86 19.10 10.51
N PHE A 22 26.37 19.08 11.73
CA PHE A 22 25.81 19.93 12.76
C PHE A 22 26.27 21.38 12.63
N GLU A 23 27.46 21.57 12.10
CA GLU A 23 27.96 22.93 11.88
C GLU A 23 27.16 23.51 10.72
N LEU A 24 26.76 22.66 9.77
CA LEU A 24 25.97 23.14 8.65
C LEU A 24 24.60 23.53 9.20
N GLU A 25 24.09 22.71 10.12
CA GLU A 25 22.80 22.96 10.74
C GLU A 25 22.80 24.33 11.42
N ALA A 26 23.80 24.58 12.25
CA ALA A 26 23.95 25.85 12.96
C ALA A 26 24.21 27.02 12.03
N ALA A 27 25.15 26.86 11.10
CA ALA A 27 25.49 27.92 10.15
C ALA A 27 24.30 28.35 9.28
N THR A 28 23.45 27.40 8.92
CA THR A 28 22.29 27.71 8.08
C THR A 28 21.04 28.03 8.88
N HIS A 29 21.17 28.02 10.21
CA HIS A 29 20.04 28.30 11.07
C HIS A 29 18.87 27.39 10.77
N ASN A 30 19.13 26.10 10.87
CA ASN A 30 18.15 25.05 10.62
C ASN A 30 17.60 24.98 9.20
N ARG A 31 18.45 25.26 8.23
CA ARG A 31 18.05 25.19 6.82
C ARG A 31 19.18 24.49 6.06
N PRO A 32 19.69 23.38 6.60
CA PRO A 32 20.77 22.65 5.94
C PRO A 32 20.37 22.00 4.63
N LEU A 33 19.10 21.63 4.51
CA LEU A 33 18.62 20.95 3.32
C LEU A 33 18.67 21.73 2.01
N ILE A 34 18.30 23.01 2.03
CA ILE A 34 18.33 23.77 0.79
C ILE A 34 19.76 24.03 0.35
N TYR A 35 20.65 24.32 1.29
CA TYR A 35 22.04 24.57 0.96
C TYR A 35 22.79 23.34 0.46
N LEU A 36 22.73 22.24 1.21
CA LEU A 36 23.41 21.03 0.77
C LEU A 36 22.72 20.49 -0.48
N GLY A 37 21.40 20.62 -0.54
CA GLY A 37 20.64 20.14 -1.69
C GLY A 37 21.07 20.81 -2.98
N LEU A 38 21.07 22.14 -2.99
CA LEU A 38 21.47 22.88 -4.17
C LEU A 38 22.86 22.48 -4.64
N LYS A 39 23.81 22.42 -3.70
CA LYS A 39 25.17 22.05 -4.06
C LYS A 39 25.24 20.62 -4.58
N MET A 40 24.69 19.68 -3.81
CA MET A 40 24.69 18.27 -4.22
C MET A 40 24.02 18.12 -5.59
N PHE A 41 22.80 18.63 -5.72
CA PHE A 41 22.07 18.55 -6.98
C PHE A 41 22.84 19.16 -8.16
N ALA A 42 23.64 20.18 -7.87
CA ALA A 42 24.43 20.83 -8.91
C ALA A 42 25.60 19.91 -9.28
N ARG A 43 26.29 19.42 -8.27
CA ARG A 43 27.43 18.52 -8.48
C ARG A 43 26.98 17.32 -9.31
N PHE A 44 25.71 16.96 -9.22
CA PHE A 44 25.17 15.83 -9.98
C PHE A 44 24.42 16.29 -11.24
N GLY A 45 24.38 17.61 -11.45
CA GLY A 45 23.70 18.16 -12.61
C GLY A 45 22.29 17.67 -12.80
N ILE A 46 21.47 17.79 -11.76
CA ILE A 46 20.10 17.35 -11.82
C ILE A 46 19.14 18.22 -12.63
N CYS A 47 19.21 19.54 -12.50
CA CYS A 47 18.31 20.36 -13.30
C CYS A 47 18.67 20.19 -14.76
N GLU A 48 19.95 20.01 -15.02
CA GLU A 48 20.44 19.81 -16.38
C GLU A 48 19.92 18.49 -16.93
N PHE A 49 19.34 17.67 -16.05
CA PHE A 49 18.76 16.38 -16.41
C PHE A 49 17.24 16.49 -16.46
N LEU A 50 16.66 17.21 -15.50
CA LEU A 50 15.21 17.39 -15.43
C LEU A 50 14.79 18.61 -16.23
N HIS A 51 15.78 19.38 -16.68
CA HIS A 51 15.53 20.61 -17.43
C HIS A 51 14.79 21.61 -16.57
N CYS A 52 15.31 21.87 -15.36
CA CYS A 52 14.69 22.82 -14.46
C CYS A 52 15.56 24.04 -14.16
N SER A 53 14.92 25.08 -13.65
CA SER A 53 15.61 26.31 -13.31
C SER A 53 16.26 26.13 -11.95
N GLU A 54 17.48 26.64 -11.79
CA GLU A 54 18.16 26.52 -10.51
C GLU A 54 17.28 27.29 -9.54
N SER A 55 16.35 28.07 -10.11
CA SER A 55 15.42 28.87 -9.35
C SER A 55 14.21 28.02 -8.96
N THR A 56 13.81 27.13 -9.87
CA THR A 56 12.69 26.24 -9.61
C THR A 56 13.13 25.20 -8.59
N LEU A 57 14.43 24.87 -8.62
CA LEU A 57 14.99 23.90 -7.69
C LEU A 57 14.99 24.48 -6.28
N ARG A 58 15.41 25.75 -6.17
CA ARG A 58 15.45 26.42 -4.87
C ARG A 58 14.06 26.46 -4.24
N SER A 59 13.06 26.77 -5.07
CA SER A 59 11.68 26.83 -4.59
C SER A 59 11.22 25.46 -4.11
N TRP A 60 11.66 24.43 -4.82
CA TRP A 60 11.30 23.06 -4.47
C TRP A 60 11.95 22.68 -3.14
N LEU A 61 13.28 22.79 -3.07
CA LEU A 61 14.02 22.47 -1.85
C LEU A 61 13.47 23.28 -0.65
N GLN A 62 13.12 24.52 -0.90
CA GLN A 62 12.59 25.38 0.15
C GLN A 62 11.25 24.86 0.68
N ILE A 63 10.36 24.44 -0.21
CA ILE A 63 9.06 23.97 0.26
C ILE A 63 9.15 22.62 0.95
N ILE A 64 10.07 21.77 0.48
CA ILE A 64 10.22 20.46 1.11
C ILE A 64 10.83 20.68 2.50
N GLU A 65 11.86 21.51 2.60
CA GLU A 65 12.48 21.77 3.89
C GLU A 65 11.46 22.32 4.90
N ALA A 66 10.65 23.28 4.48
CA ALA A 66 9.65 23.88 5.36
C ALA A 66 8.65 22.86 5.91
N ASN A 67 8.46 21.76 5.18
CA ASN A 67 7.53 20.75 5.66
C ASN A 67 8.17 19.69 6.56
N TYR A 68 9.42 19.91 6.95
CA TYR A 68 10.10 19.04 7.90
C TYR A 68 9.93 19.79 9.21
N HIS A 69 9.42 19.13 10.25
CA HIS A 69 9.18 19.80 11.53
C HIS A 69 10.45 20.06 12.35
N SER A 70 10.83 21.34 12.47
CA SER A 70 12.02 21.72 13.24
C SER A 70 11.90 21.27 14.69
N SER A 71 10.66 21.23 15.16
CA SER A 71 10.35 20.83 16.53
C SER A 71 10.68 19.37 16.83
N ASN A 72 10.89 18.55 15.79
CA ASN A 72 11.24 17.15 16.04
C ASN A 72 12.71 17.09 16.44
N PRO A 73 13.04 16.32 17.49
CA PRO A 73 14.44 16.24 17.92
C PRO A 73 15.26 15.54 16.83
N TYR A 74 14.68 14.51 16.23
CA TYR A 74 15.39 13.76 15.20
C TYR A 74 14.90 13.95 13.77
N HIS A 75 13.61 13.71 13.55
CA HIS A 75 13.06 13.81 12.21
C HIS A 75 12.75 15.22 11.73
N ASN A 76 13.81 16.02 11.60
CA ASN A 76 13.72 17.39 11.12
C ASN A 76 14.56 17.44 9.85
N SER A 77 14.66 18.60 9.20
CA SER A 77 15.39 18.67 7.94
C SER A 77 16.87 18.33 8.01
N THR A 78 17.45 18.38 9.21
CA THR A 78 18.88 18.05 9.34
C THR A 78 19.09 16.57 9.07
N HIS A 79 18.17 15.74 9.54
CA HIS A 79 18.27 14.30 9.31
C HIS A 79 18.21 14.02 7.80
N SER A 80 17.30 14.72 7.14
CA SER A 80 17.13 14.58 5.71
C SER A 80 18.42 14.97 4.98
N ALA A 81 19.00 16.11 5.38
CA ALA A 81 20.24 16.57 4.77
C ALA A 81 21.36 15.53 4.97
N ASP A 82 21.37 14.92 6.15
CA ASP A 82 22.35 13.91 6.49
C ASP A 82 22.19 12.67 5.59
N VAL A 83 20.94 12.23 5.43
CA VAL A 83 20.66 11.07 4.59
C VAL A 83 21.01 11.39 3.14
N LEU A 84 20.78 12.63 2.75
CA LEU A 84 21.12 13.07 1.39
C LEU A 84 22.63 12.98 1.19
N HIS A 85 23.36 13.37 2.22
CA HIS A 85 24.82 13.33 2.19
C HIS A 85 25.34 11.89 2.04
N ALA A 86 24.75 10.97 2.79
CA ALA A 86 25.19 9.57 2.71
C ALA A 86 24.85 8.97 1.35
N THR A 87 23.72 9.39 0.79
CA THR A 87 23.26 8.91 -0.50
C THR A 87 24.23 9.33 -1.62
N ALA A 88 24.64 10.59 -1.60
CA ALA A 88 25.58 11.10 -2.60
C ALA A 88 26.91 10.35 -2.45
N TYR A 89 27.32 10.11 -1.22
CA TYR A 89 28.55 9.40 -0.95
C TYR A 89 28.52 7.99 -1.55
N PHE A 90 27.36 7.34 -1.48
CA PHE A 90 27.21 5.97 -2.02
C PHE A 90 27.16 5.99 -3.54
N LEU A 91 26.43 6.95 -4.10
CA LEU A 91 26.30 7.08 -5.55
C LEU A 91 27.67 7.33 -6.16
N SER A 92 28.53 8.00 -5.41
CA SER A 92 29.87 8.33 -5.89
C SER A 92 30.82 7.13 -5.86
N LYS A 93 30.35 5.99 -5.35
CA LYS A 93 31.20 4.80 -5.29
C LYS A 93 31.26 4.07 -6.64
N GLU A 94 32.45 3.61 -6.97
CA GLU A 94 32.71 2.90 -8.22
C GLU A 94 31.61 1.89 -8.50
N ARG A 95 31.46 0.93 -7.59
CA ARG A 95 30.44 -0.11 -7.76
C ARG A 95 29.07 0.47 -8.12
N ILE A 96 28.67 1.54 -7.45
CA ILE A 96 27.38 2.15 -7.73
C ILE A 96 27.36 2.91 -9.06
N LYS A 97 28.43 3.64 -9.36
CA LYS A 97 28.50 4.37 -10.63
C LYS A 97 28.51 3.36 -11.78
N GLU A 98 29.20 2.24 -11.58
CA GLU A 98 29.29 1.21 -12.59
C GLU A 98 28.05 0.34 -12.67
N THR A 99 27.04 0.64 -11.86
CA THR A 99 25.83 -0.18 -11.87
C THR A 99 24.51 0.56 -12.11
N LEU A 100 24.37 1.73 -11.52
CA LEU A 100 23.13 2.48 -11.67
C LEU A 100 23.17 3.45 -12.84
N ASP A 101 22.00 3.77 -13.37
CA ASP A 101 21.90 4.72 -14.48
C ASP A 101 21.64 6.11 -13.90
N PRO A 102 22.02 7.16 -14.64
CA PRO A 102 21.83 8.54 -14.16
C PRO A 102 20.42 8.81 -13.64
N ILE A 103 19.44 8.12 -14.18
CA ILE A 103 18.06 8.30 -13.74
C ILE A 103 17.84 7.69 -12.34
N ASP A 104 18.64 6.69 -12.00
CA ASP A 104 18.56 6.06 -10.68
C ASP A 104 19.16 7.03 -9.69
N GLU A 105 20.24 7.70 -10.11
CA GLU A 105 20.91 8.69 -9.28
C GLU A 105 19.94 9.80 -8.91
N VAL A 106 19.24 10.29 -9.93
CA VAL A 106 18.25 11.36 -9.72
C VAL A 106 17.19 10.88 -8.74
N ALA A 107 16.71 9.66 -8.94
CA ALA A 107 15.69 9.10 -8.06
C ALA A 107 16.20 9.03 -6.61
N ALA A 108 17.43 8.57 -6.44
CA ALA A 108 18.03 8.43 -5.13
C ALA A 108 18.22 9.75 -4.38
N LEU A 109 18.78 10.74 -5.05
CA LEU A 109 19.01 12.05 -4.43
C LEU A 109 17.69 12.72 -4.05
N ILE A 110 16.67 12.54 -4.90
CA ILE A 110 15.37 13.14 -4.62
C ILE A 110 14.66 12.36 -3.51
N ALA A 111 14.73 11.05 -3.57
CA ALA A 111 14.10 10.20 -2.56
C ALA A 111 14.67 10.54 -1.18
N ALA A 112 15.99 10.64 -1.08
CA ALA A 112 16.65 10.95 0.17
C ALA A 112 16.14 12.28 0.74
N THR A 113 16.09 13.30 -0.12
CA THR A 113 15.64 14.63 0.26
C THR A 113 14.22 14.66 0.81
N ILE A 114 13.31 13.90 0.20
CA ILE A 114 11.92 13.92 0.63
C ILE A 114 11.45 12.76 1.50
N HIS A 115 12.27 11.72 1.63
CA HIS A 115 11.85 10.51 2.36
C HIS A 115 11.15 10.59 3.73
N ASP A 116 11.31 11.70 4.45
CA ASP A 116 10.66 11.85 5.75
C ASP A 116 9.84 13.13 5.88
N VAL A 117 9.59 13.82 4.77
CA VAL A 117 8.87 15.09 4.80
C VAL A 117 7.56 15.04 5.61
N ASP A 118 7.37 16.04 6.46
CA ASP A 118 6.18 16.16 7.31
C ASP A 118 6.07 15.03 8.34
N HIS A 119 7.21 14.43 8.70
CA HIS A 119 7.22 13.37 9.71
C HIS A 119 6.76 14.03 11.02
N PRO A 120 5.86 13.39 11.76
CA PRO A 120 5.34 13.93 13.03
C PRO A 120 6.12 13.57 14.31
N GLY A 121 7.25 12.88 14.18
CA GLY A 121 8.02 12.52 15.35
C GLY A 121 7.37 11.40 16.14
N ARG A 122 6.51 10.63 15.47
CA ARG A 122 5.82 9.49 16.06
C ARG A 122 5.92 8.33 15.06
N THR A 123 5.92 7.10 15.55
CA THR A 123 6.03 5.92 14.68
C THR A 123 4.70 5.55 14.05
N ASN A 124 4.74 4.67 13.05
CA ASN A 124 3.51 4.26 12.39
C ASN A 124 2.54 3.60 13.36
N SER A 125 3.06 2.75 14.25
CA SER A 125 2.25 2.05 15.24
C SER A 125 1.52 3.01 16.19
N PHE A 126 2.12 4.18 16.43
CA PHE A 126 1.49 5.17 17.30
C PHE A 126 0.30 5.78 16.58
N LEU A 127 0.50 6.19 15.33
CA LEU A 127 -0.58 6.79 14.54
C LEU A 127 -1.76 5.84 14.40
N CYS A 128 -1.46 4.55 14.25
CA CYS A 128 -2.50 3.53 14.12
C CYS A 128 -3.26 3.36 15.42
N ASN A 129 -2.53 3.18 16.53
CA ASN A 129 -3.18 3.01 17.83
C ASN A 129 -4.04 4.20 18.20
N ALA A 130 -3.64 5.39 17.73
CA ALA A 130 -4.38 6.61 18.02
C ALA A 130 -5.51 6.85 17.04
N GLY A 131 -5.51 6.13 15.93
CA GLY A 131 -6.54 6.34 14.95
C GLY A 131 -6.33 7.69 14.28
N SER A 132 -5.06 8.08 14.21
CA SER A 132 -4.68 9.35 13.59
C SER A 132 -5.25 9.43 12.18
N GLU A 133 -5.49 10.64 11.69
CA GLU A 133 -6.06 10.82 10.36
C GLU A 133 -5.22 10.18 9.26
N LEU A 134 -3.90 10.22 9.39
CA LEU A 134 -3.06 9.61 8.37
C LEU A 134 -3.22 8.10 8.39
N ALA A 135 -3.40 7.53 9.58
CA ALA A 135 -3.56 6.08 9.68
C ALA A 135 -4.87 5.66 9.02
N ILE A 136 -5.91 6.48 9.17
CA ILE A 136 -7.20 6.19 8.56
C ILE A 136 -7.12 6.37 7.05
N LEU A 137 -6.43 7.43 6.63
CA LEU A 137 -6.23 7.72 5.22
C LEU A 137 -5.51 6.59 4.48
N TYR A 138 -4.52 6.01 5.15
CA TYR A 138 -3.73 4.93 4.55
C TYR A 138 -4.02 3.54 5.06
N ASN A 139 -5.19 3.35 5.66
CA ASN A 139 -5.61 2.05 6.16
C ASN A 139 -4.56 1.33 7.01
N ASP A 140 -3.93 2.07 7.92
CA ASP A 140 -2.91 1.52 8.81
C ASP A 140 -1.79 0.79 8.10
N THR A 141 -1.53 1.12 6.84
CA THR A 141 -0.48 0.43 6.08
C THR A 141 0.62 1.40 5.64
N ALA A 142 1.85 1.16 6.09
CA ALA A 142 2.99 2.00 5.74
C ALA A 142 2.56 3.46 5.78
N VAL A 143 1.83 3.81 6.83
CA VAL A 143 1.29 5.15 7.00
C VAL A 143 2.19 6.33 6.71
N LEU A 144 3.28 6.46 7.45
CA LEU A 144 4.18 7.60 7.25
C LEU A 144 4.88 7.65 5.91
N GLU A 145 5.40 6.51 5.47
CA GLU A 145 6.12 6.45 4.19
C GLU A 145 5.24 6.83 2.99
N SER A 146 4.01 6.33 2.99
CA SER A 146 3.08 6.65 1.90
C SER A 146 2.88 8.14 1.94
N HIS A 147 2.75 8.67 3.15
CA HIS A 147 2.53 10.10 3.33
C HIS A 147 3.71 10.95 2.86
N HIS A 148 4.94 10.52 3.14
CA HIS A 148 6.11 11.31 2.72
C HIS A 148 6.14 11.39 1.19
N ALA A 149 5.96 10.25 0.53
CA ALA A 149 5.97 10.22 -0.92
C ALA A 149 4.83 11.06 -1.51
N ALA A 150 3.61 10.84 -1.01
CA ALA A 150 2.44 11.54 -1.50
C ALA A 150 2.52 13.06 -1.30
N LEU A 151 2.74 13.48 -0.06
CA LEU A 151 2.82 14.91 0.22
C LEU A 151 3.90 15.53 -0.65
N ALA A 152 5.02 14.84 -0.81
CA ALA A 152 6.13 15.35 -1.62
C ALA A 152 5.68 15.66 -3.04
N PHE A 153 4.96 14.73 -3.65
CA PHE A 153 4.50 14.96 -5.02
C PHE A 153 3.42 16.04 -5.06
N GLN A 154 2.60 16.13 -4.02
CA GLN A 154 1.56 17.14 -4.00
C GLN A 154 2.18 18.53 -3.93
N LEU A 155 3.25 18.68 -3.17
CA LEU A 155 3.93 19.97 -3.03
C LEU A 155 4.69 20.34 -4.29
N THR A 156 5.29 19.34 -4.93
CA THR A 156 6.07 19.54 -6.14
C THR A 156 5.26 19.92 -7.36
N THR A 157 4.24 19.11 -7.67
CA THR A 157 3.40 19.35 -8.84
C THR A 157 2.21 20.27 -8.55
N GLY A 158 2.06 20.71 -7.31
CA GLY A 158 0.95 21.57 -6.97
C GLY A 158 1.20 23.04 -7.23
N ASP A 159 2.43 23.38 -7.62
CA ASP A 159 2.80 24.76 -7.91
C ASP A 159 3.89 24.81 -8.98
N ASP A 160 3.58 25.48 -10.09
CA ASP A 160 4.51 25.60 -11.22
C ASP A 160 5.95 25.96 -10.86
N LYS A 161 6.13 26.86 -9.90
CA LYS A 161 7.48 27.26 -9.53
C LYS A 161 8.23 26.22 -8.69
N CYS A 162 7.49 25.27 -8.14
CA CYS A 162 8.09 24.20 -7.33
C CYS A 162 8.29 22.94 -8.16
N ASN A 163 7.43 22.76 -9.15
CA ASN A 163 7.47 21.57 -10.00
C ASN A 163 8.76 21.38 -10.79
N ILE A 164 9.74 20.73 -10.18
CA ILE A 164 11.01 20.46 -10.84
C ILE A 164 10.84 19.40 -11.91
N PHE A 165 9.63 18.84 -12.03
CA PHE A 165 9.34 17.80 -13.03
C PHE A 165 8.54 18.35 -14.21
N LYS A 166 8.18 19.62 -14.17
CA LYS A 166 7.37 20.24 -15.22
C LYS A 166 7.85 20.04 -16.67
N ASN A 167 9.15 20.21 -16.90
CA ASN A 167 9.69 20.08 -18.24
C ASN A 167 10.24 18.71 -18.61
N MET A 168 9.62 17.66 -18.08
CA MET A 168 10.05 16.30 -18.39
C MET A 168 9.07 15.63 -19.33
N GLU A 169 9.55 14.66 -20.10
CA GLU A 169 8.70 13.94 -21.03
C GLU A 169 7.99 12.82 -20.27
N ARG A 170 6.65 12.83 -20.33
CA ARG A 170 5.82 11.85 -19.64
C ARG A 170 6.46 10.51 -19.27
N ASN A 171 7.05 9.83 -20.26
CA ASN A 171 7.66 8.54 -20.00
C ASN A 171 8.82 8.61 -19.01
N ASP A 172 9.74 9.54 -19.24
CA ASP A 172 10.88 9.70 -18.34
C ASP A 172 10.40 10.01 -16.94
N TYR A 173 9.50 10.97 -16.83
CA TYR A 173 8.95 11.36 -15.53
C TYR A 173 8.28 10.18 -14.87
N ARG A 174 7.47 9.46 -15.63
CA ARG A 174 6.74 8.31 -15.14
C ARG A 174 7.67 7.28 -14.50
N THR A 175 8.79 7.03 -15.15
CA THR A 175 9.78 6.08 -14.65
C THR A 175 10.50 6.63 -13.43
N LEU A 176 10.82 7.91 -13.44
CA LEU A 176 11.51 8.54 -12.33
C LEU A 176 10.62 8.58 -11.08
N ARG A 177 9.34 8.86 -11.29
CA ARG A 177 8.37 8.91 -10.20
C ARG A 177 8.22 7.55 -9.53
N GLN A 178 8.14 6.49 -10.33
CA GLN A 178 8.01 5.14 -9.78
C GLN A 178 9.26 4.78 -8.96
N GLY A 179 10.44 5.16 -9.47
CA GLY A 179 11.68 4.88 -8.78
C GLY A 179 11.76 5.59 -7.44
N ILE A 180 11.35 6.86 -7.43
CA ILE A 180 11.35 7.66 -6.21
C ILE A 180 10.39 7.05 -5.18
N ILE A 181 9.17 6.74 -5.60
CA ILE A 181 8.19 6.16 -4.70
C ILE A 181 8.71 4.85 -4.12
N ASP A 182 9.26 3.99 -4.98
CA ASP A 182 9.79 2.71 -4.53
C ASP A 182 10.83 2.90 -3.42
N MET A 183 11.75 3.84 -3.61
CA MET A 183 12.77 4.07 -2.61
C MET A 183 12.21 4.60 -1.29
N VAL A 184 11.26 5.53 -1.34
CA VAL A 184 10.66 6.06 -0.13
C VAL A 184 9.93 4.97 0.64
N LEU A 185 9.17 4.15 -0.09
CA LEU A 185 8.41 3.08 0.54
C LEU A 185 9.33 2.03 1.13
N ALA A 186 10.50 1.87 0.53
CA ALA A 186 11.47 0.90 1.01
C ALA A 186 12.09 1.26 2.36
N THR A 187 11.82 2.47 2.84
CA THR A 187 12.37 2.89 4.14
C THR A 187 11.53 2.40 5.31
N GLU A 188 10.34 1.84 5.05
CA GLU A 188 9.52 1.33 6.14
C GLU A 188 10.26 0.14 6.78
N MET A 189 10.52 0.25 8.07
CA MET A 189 11.29 -0.79 8.76
C MET A 189 10.70 -2.20 8.88
N THR A 190 9.38 -2.35 8.91
CA THR A 190 8.81 -3.69 9.03
C THR A 190 9.23 -4.56 7.85
N LYS A 191 9.66 -3.93 6.76
CA LYS A 191 10.11 -4.66 5.58
C LYS A 191 11.63 -4.79 5.57
N HIS A 192 12.27 -4.34 6.65
CA HIS A 192 13.73 -4.38 6.75
C HIS A 192 14.40 -5.66 6.29
N PHE A 193 14.08 -6.77 6.95
CA PHE A 193 14.71 -8.03 6.61
C PHE A 193 14.40 -8.54 5.22
N GLU A 194 13.17 -8.32 4.75
CA GLU A 194 12.79 -8.73 3.41
C GLU A 194 13.73 -8.05 2.40
N HIS A 195 13.92 -6.74 2.55
CA HIS A 195 14.77 -5.99 1.65
C HIS A 195 16.25 -6.36 1.70
N VAL A 196 16.77 -6.55 2.91
CA VAL A 196 18.18 -6.92 3.07
C VAL A 196 18.42 -8.33 2.53
N ASN A 197 17.56 -9.27 2.89
CA ASN A 197 17.73 -10.66 2.43
C ASN A 197 17.67 -10.78 0.91
N LYS A 198 16.78 -10.03 0.28
CA LYS A 198 16.68 -10.08 -1.18
C LYS A 198 17.96 -9.55 -1.80
N PHE A 199 18.54 -8.52 -1.19
CA PHE A 199 19.78 -7.94 -1.70
C PHE A 199 20.90 -8.96 -1.60
N VAL A 200 20.97 -9.66 -0.46
CA VAL A 200 21.99 -10.67 -0.25
C VAL A 200 21.84 -11.83 -1.25
N ASN A 201 20.63 -12.36 -1.37
CA ASN A 201 20.36 -13.48 -2.26
C ASN A 201 20.44 -13.18 -3.76
N SER A 202 20.10 -11.97 -4.16
CA SER A 202 20.12 -11.61 -5.58
C SER A 202 21.34 -10.82 -6.03
N ILE A 203 22.04 -10.20 -5.09
CA ILE A 203 23.22 -9.42 -5.45
C ILE A 203 24.53 -10.04 -4.94
N ASN A 204 24.70 -10.06 -3.62
CA ASN A 204 25.93 -10.60 -3.05
C ASN A 204 26.27 -12.05 -3.33
N LYS A 205 25.30 -12.95 -3.22
CA LYS A 205 25.60 -14.36 -3.47
C LYS A 205 25.90 -14.64 -4.94
N PRO A 206 25.02 -14.20 -5.85
CA PRO A 206 25.30 -14.45 -7.28
C PRO A 206 26.63 -13.83 -7.73
N LEU A 207 26.94 -12.65 -7.21
CA LEU A 207 28.16 -11.95 -7.57
C LEU A 207 29.41 -12.66 -7.06
N ALA A 208 29.33 -13.22 -5.85
CA ALA A 208 30.48 -13.91 -5.28
C ALA A 208 30.76 -15.13 -6.15
N THR A 209 29.69 -15.74 -6.64
CA THR A 209 29.81 -16.92 -7.49
C THR A 209 30.54 -16.58 -8.77
N LEU A 210 30.20 -15.45 -9.37
CA LEU A 210 30.84 -15.03 -10.62
C LEU A 210 32.26 -14.54 -10.39
N GLU A 211 32.51 -13.94 -9.23
CA GLU A 211 33.84 -13.44 -8.92
C GLU A 211 34.79 -14.56 -8.55
N GLU A 212 34.28 -15.78 -8.50
CA GLU A 212 35.10 -16.94 -8.19
C GLU A 212 35.91 -17.25 -9.45
N ASN A 213 35.27 -17.04 -10.60
CA ASN A 213 35.89 -17.28 -11.89
C ASN A 213 36.96 -16.23 -12.15
N GLY A 214 37.33 -15.53 -11.08
CA GLY A 214 38.34 -14.50 -11.19
C GLY A 214 37.76 -13.23 -11.79
N GLU A 215 38.65 -12.33 -12.21
CA GLU A 215 38.25 -11.07 -12.80
C GLU A 215 38.84 -11.03 -14.21
N THR A 216 38.47 -12.01 -15.02
CA THR A 216 38.99 -12.09 -16.38
C THR A 216 38.03 -11.58 -17.45
N ASP A 217 38.49 -11.64 -18.70
CA ASP A 217 37.75 -11.19 -19.88
C ASP A 217 36.24 -11.00 -19.77
N LYS A 218 35.49 -11.87 -20.43
CA LYS A 218 34.02 -11.78 -20.42
C LYS A 218 33.42 -11.98 -19.04
N ASN A 219 34.21 -12.51 -18.10
CA ASN A 219 33.73 -12.73 -16.75
C ASN A 219 33.05 -11.45 -16.24
N GLN A 220 33.82 -10.37 -16.23
CA GLN A 220 33.34 -9.07 -15.79
C GLN A 220 32.06 -8.69 -16.52
N GLU A 221 32.02 -8.96 -17.82
CA GLU A 221 30.85 -8.65 -18.63
C GLU A 221 29.63 -9.36 -18.08
N VAL A 222 29.79 -10.64 -17.78
CA VAL A 222 28.72 -11.45 -17.22
C VAL A 222 28.27 -10.81 -15.90
N ILE A 223 29.24 -10.34 -15.13
CA ILE A 223 28.96 -9.70 -13.84
C ILE A 223 28.18 -8.40 -14.03
N ASN A 224 28.70 -7.51 -14.86
CA ASN A 224 28.05 -6.24 -15.12
C ASN A 224 26.67 -6.42 -15.76
N THR A 225 26.55 -7.44 -16.60
CA THR A 225 25.29 -7.72 -17.27
C THR A 225 24.21 -8.03 -16.24
N MET A 226 24.55 -8.91 -15.30
CA MET A 226 23.63 -9.34 -14.25
C MET A 226 23.21 -8.24 -13.27
N LEU A 227 24.16 -7.41 -12.85
CA LEU A 227 23.86 -6.34 -11.89
C LEU A 227 23.02 -5.18 -12.45
N ARG A 228 23.04 -5.00 -13.76
CA ARG A 228 22.33 -3.88 -14.36
C ARG A 228 20.87 -4.09 -14.74
N THR A 229 20.33 -5.28 -14.53
CA THR A 229 18.93 -5.52 -14.86
C THR A 229 18.06 -4.59 -14.00
N PRO A 230 16.89 -4.21 -14.52
CA PRO A 230 15.98 -3.32 -13.77
C PRO A 230 15.69 -3.84 -12.37
N GLU A 231 15.44 -5.14 -12.26
CA GLU A 231 15.13 -5.78 -10.99
C GLU A 231 16.25 -5.59 -9.98
N ASN A 232 17.49 -5.81 -10.42
CA ASN A 232 18.63 -5.68 -9.55
C ASN A 232 18.97 -4.24 -9.21
N ARG A 233 18.80 -3.32 -10.16
CA ARG A 233 19.08 -1.92 -9.89
C ARG A 233 18.09 -1.42 -8.83
N THR A 234 16.87 -1.97 -8.86
CA THR A 234 15.84 -1.62 -7.88
C THR A 234 16.24 -2.09 -6.48
N LEU A 235 16.74 -3.32 -6.39
CA LEU A 235 17.18 -3.90 -5.13
C LEU A 235 18.40 -3.15 -4.63
N ILE A 236 19.23 -2.71 -5.55
CA ILE A 236 20.42 -1.95 -5.18
C ILE A 236 20.00 -0.57 -4.66
N LYS A 237 19.00 0.02 -5.28
CA LYS A 237 18.52 1.34 -4.87
C LYS A 237 17.83 1.26 -3.51
N ARG A 238 17.09 0.18 -3.29
CA ARG A 238 16.41 0.01 -2.02
C ARG A 238 17.46 -0.12 -0.91
N MET A 239 18.50 -0.90 -1.18
CA MET A 239 19.54 -1.11 -0.19
C MET A 239 20.28 0.20 0.06
N LEU A 240 20.53 0.97 -1.00
CA LEU A 240 21.25 2.23 -0.88
C LEU A 240 20.51 3.21 0.02
N ILE A 241 19.23 3.43 -0.22
CA ILE A 241 18.50 4.38 0.62
C ILE A 241 18.32 3.87 2.06
N LYS A 242 18.08 2.57 2.22
CA LYS A 242 17.94 2.01 3.55
C LYS A 242 19.23 2.25 4.35
N CYS A 243 20.38 1.98 3.74
CA CYS A 243 21.66 2.16 4.44
C CYS A 243 21.96 3.63 4.72
N ALA A 244 21.57 4.52 3.80
CA ALA A 244 21.81 5.94 4.04
C ALA A 244 20.92 6.40 5.21
N ASP A 245 19.70 5.91 5.23
CA ASP A 245 18.72 6.27 6.25
C ASP A 245 19.16 5.93 7.67
N VAL A 246 19.80 4.78 7.88
CA VAL A 246 20.23 4.42 9.23
C VAL A 246 21.75 4.30 9.33
N SER A 247 22.45 5.26 8.72
CA SER A 247 23.90 5.25 8.71
C SER A 247 24.56 5.97 9.89
N ASN A 248 23.77 6.49 10.83
CA ASN A 248 24.31 7.22 11.99
C ASN A 248 25.39 6.43 12.73
N PRO A 249 25.18 5.12 12.94
CA PRO A 249 26.17 4.30 13.65
C PRO A 249 27.51 4.17 12.92
N CYS A 250 27.56 4.55 11.64
CA CYS A 250 28.79 4.45 10.87
C CYS A 250 29.47 5.82 10.68
N ARG A 251 29.04 6.80 11.47
CA ARG A 251 29.60 8.16 11.41
C ARG A 251 30.65 8.39 12.51
N PRO A 252 31.45 9.46 12.39
CA PRO A 252 32.45 9.77 13.41
C PRO A 252 31.74 9.77 14.77
N LEU A 253 32.40 9.23 15.79
CA LEU A 253 31.85 9.12 17.14
C LEU A 253 31.01 10.28 17.68
N GLN A 254 31.50 11.51 17.54
CA GLN A 254 30.76 12.67 18.05
C GLN A 254 29.37 12.79 17.42
N TYR A 255 29.30 12.54 16.12
CA TYR A 255 28.02 12.61 15.39
C TYR A 255 27.11 11.46 15.78
N CYS A 256 27.69 10.27 15.86
CA CYS A 256 26.97 9.07 16.23
C CYS A 256 26.23 9.27 17.54
N ILE A 257 26.95 9.84 18.52
CA ILE A 257 26.39 10.11 19.85
C ILE A 257 25.25 11.12 19.79
N GLU A 258 25.43 12.16 19.00
CA GLU A 258 24.40 13.20 18.87
C GLU A 258 23.12 12.61 18.25
N TRP A 259 23.28 11.84 17.18
CA TRP A 259 22.13 11.22 16.50
C TRP A 259 21.37 10.32 17.48
N ALA A 260 22.10 9.57 18.29
CA ALA A 260 21.48 8.67 19.27
C ALA A 260 20.69 9.46 20.31
N ALA A 261 21.21 10.60 20.72
CA ALA A 261 20.53 11.44 21.70
C ALA A 261 19.22 11.97 21.11
N ARG A 262 19.29 12.45 19.86
CA ARG A 262 18.13 13.00 19.17
C ARG A 262 17.02 11.98 18.96
N ILE A 263 17.34 10.82 18.38
CA ILE A 263 16.31 9.81 18.16
C ILE A 263 15.72 9.30 19.48
N SER A 264 16.57 9.14 20.49
CA SER A 264 16.12 8.67 21.81
C SER A 264 15.09 9.63 22.41
N GLU A 265 15.40 10.93 22.38
CA GLU A 265 14.49 11.94 22.91
C GLU A 265 13.15 11.91 22.18
N GLU A 266 13.20 11.67 20.87
CA GLU A 266 11.97 11.61 20.08
C GLU A 266 11.13 10.42 20.52
N TYR A 267 11.78 9.28 20.75
CA TYR A 267 11.07 8.09 21.20
C TYR A 267 10.52 8.27 22.62
N PHE A 268 11.29 8.94 23.49
CA PHE A 268 10.84 9.17 24.86
C PHE A 268 9.58 10.03 24.87
N SER A 269 9.55 11.03 23.99
CA SER A 269 8.38 11.90 23.88
C SER A 269 7.15 11.04 23.63
N GLN A 270 7.25 10.18 22.63
CA GLN A 270 6.15 9.30 22.27
C GLN A 270 5.68 8.44 23.44
N THR A 271 6.63 7.84 24.15
CA THR A 271 6.30 6.99 25.28
C THR A 271 5.55 7.75 26.37
N ASP A 272 5.96 8.98 26.62
CA ASP A 272 5.29 9.80 27.64
C ASP A 272 3.87 10.10 27.19
N GLU A 273 3.69 10.32 25.89
CA GLU A 273 2.38 10.64 25.37
C GLU A 273 1.46 9.42 25.36
N GLU A 274 1.99 8.27 24.97
CA GLU A 274 1.20 7.04 24.93
C GLU A 274 0.57 6.71 26.28
N LYS A 275 1.40 6.63 27.31
CA LYS A 275 0.91 6.32 28.64
C LYS A 275 -0.05 7.40 29.13
N GLN A 276 0.23 8.65 28.76
CA GLN A 276 -0.61 9.77 29.14
C GLN A 276 -2.03 9.58 28.60
N GLN A 277 -2.11 9.20 27.33
CA GLN A 277 -3.40 8.97 26.68
C GLN A 277 -3.91 7.55 26.92
N GLY A 278 -3.16 6.78 27.69
CA GLY A 278 -3.57 5.41 27.96
C GLY A 278 -3.43 4.51 26.75
N LEU A 279 -2.96 5.07 25.64
CA LEU A 279 -2.76 4.30 24.41
C LEU A 279 -1.80 3.15 24.66
N PRO A 280 -1.87 2.11 23.83
CA PRO A 280 -0.95 0.98 24.03
C PRO A 280 0.48 1.46 23.78
N VAL A 281 1.37 1.18 24.73
CA VAL A 281 2.76 1.60 24.57
C VAL A 281 3.45 0.61 23.64
N VAL A 282 3.99 1.13 22.54
CA VAL A 282 4.66 0.28 21.56
C VAL A 282 6.15 0.08 21.85
N MET A 283 6.78 1.10 22.41
CA MET A 283 8.21 1.04 22.73
C MET A 283 8.40 1.05 24.25
N PRO A 284 7.90 0.02 24.94
CA PRO A 284 8.04 -0.04 26.41
C PRO A 284 9.47 0.17 26.87
N VAL A 285 10.42 -0.26 26.05
CA VAL A 285 11.83 -0.11 26.38
C VAL A 285 12.31 1.33 26.25
N PHE A 286 11.69 2.09 25.35
CA PHE A 286 12.08 3.48 25.14
C PHE A 286 11.38 4.47 26.05
N ASP A 287 11.60 4.31 27.35
CA ASP A 287 11.04 5.19 28.36
C ASP A 287 12.20 5.98 28.95
N ARG A 288 12.09 7.30 28.98
CA ARG A 288 13.16 8.14 29.49
C ARG A 288 13.54 7.82 30.94
N ASN A 289 12.67 7.11 31.66
CA ASN A 289 12.95 6.78 33.06
C ASN A 289 13.45 5.35 33.25
N THR A 290 13.59 4.59 32.15
CA THR A 290 14.04 3.21 32.27
C THR A 290 15.12 2.81 31.26
N CYS A 291 15.10 3.47 30.10
CA CYS A 291 16.01 3.15 29.02
C CYS A 291 17.46 3.63 29.08
N SER A 292 18.36 2.71 28.81
CA SER A 292 19.79 2.98 28.76
C SER A 292 20.09 3.23 27.29
N ILE A 293 20.45 4.45 26.92
CA ILE A 293 20.74 4.76 25.53
C ILE A 293 21.91 3.95 24.94
N PRO A 294 23.02 3.81 25.68
CA PRO A 294 24.13 3.01 25.12
C PRO A 294 23.74 1.57 24.84
N LYS A 295 23.05 0.93 25.79
CA LYS A 295 22.63 -0.45 25.60
C LYS A 295 21.63 -0.54 24.45
N SER A 296 20.76 0.45 24.33
CA SER A 296 19.77 0.46 23.25
C SER A 296 20.45 0.54 21.90
N GLN A 297 21.48 1.36 21.83
CA GLN A 297 22.24 1.51 20.60
C GLN A 297 22.92 0.20 20.25
N ILE A 298 23.49 -0.45 21.24
CA ILE A 298 24.16 -1.73 21.04
C ILE A 298 23.17 -2.72 20.44
N SER A 299 21.97 -2.82 21.02
CA SER A 299 20.96 -3.74 20.53
C SER A 299 20.55 -3.40 19.12
N PHE A 300 20.34 -2.11 18.88
CA PHE A 300 19.95 -1.60 17.58
C PHE A 300 20.97 -2.02 16.54
N ILE A 301 22.24 -1.76 16.82
CA ILE A 301 23.33 -2.09 15.92
C ILE A 301 23.41 -3.59 15.64
N ASP A 302 23.30 -4.39 16.69
CA ASP A 302 23.35 -5.83 16.52
C ASP A 302 22.19 -6.37 15.70
N TYR A 303 21.01 -5.81 15.92
CA TYR A 303 19.81 -6.27 15.24
C TYR A 303 19.64 -5.82 13.78
N PHE A 304 19.79 -4.53 13.52
CA PHE A 304 19.61 -4.02 12.17
C PHE A 304 20.89 -3.67 11.40
N ILE A 305 21.75 -2.87 12.03
CA ILE A 305 22.98 -2.38 11.42
C ILE A 305 24.06 -3.34 10.97
N THR A 306 24.54 -4.18 11.89
CA THR A 306 25.61 -5.11 11.60
C THR A 306 25.52 -5.93 10.31
N ASP A 307 24.45 -6.71 10.18
CA ASP A 307 24.29 -7.54 8.99
C ASP A 307 24.01 -6.74 7.74
N MET A 308 23.21 -5.68 7.87
CA MET A 308 22.90 -4.88 6.70
C MET A 308 24.15 -4.18 6.13
N PHE A 309 24.95 -3.54 7.00
CA PHE A 309 26.14 -2.88 6.48
C PHE A 309 27.18 -3.87 6.03
N ASP A 310 27.17 -5.06 6.64
CA ASP A 310 28.06 -6.14 6.27
C ASP A 310 27.83 -6.38 4.76
N ALA A 311 26.58 -6.62 4.40
CA ALA A 311 26.21 -6.87 3.01
C ALA A 311 26.51 -5.69 2.08
N TRP A 312 26.19 -4.48 2.53
CA TRP A 312 26.40 -3.29 1.72
C TRP A 312 27.89 -3.07 1.51
N ASP A 313 28.67 -3.21 2.57
CA ASP A 313 30.12 -3.02 2.48
C ASP A 313 30.78 -4.05 1.57
N ALA A 314 30.29 -5.28 1.59
CA ALA A 314 30.86 -6.33 0.74
C ALA A 314 30.64 -6.00 -0.74
N PHE A 315 29.53 -5.35 -1.02
CA PHE A 315 29.17 -5.00 -2.39
C PHE A 315 29.82 -3.70 -2.89
N VAL A 316 29.90 -2.71 -2.01
CA VAL A 316 30.44 -1.41 -2.39
C VAL A 316 31.88 -1.10 -1.93
N ASP A 317 32.28 -1.71 -0.81
CA ASP A 317 33.60 -1.52 -0.21
C ASP A 317 33.59 -0.19 0.52
N LEU A 318 33.28 -0.24 1.81
CA LEU A 318 33.17 0.95 2.64
C LEU A 318 33.93 0.82 3.95
N PRO A 319 35.26 0.66 3.88
CA PRO A 319 36.08 0.52 5.09
C PRO A 319 35.89 1.63 6.13
N ASP A 320 35.76 2.87 5.66
CA ASP A 320 35.56 4.01 6.55
C ASP A 320 34.35 3.81 7.45
N LEU A 321 33.23 3.46 6.84
CA LEU A 321 32.01 3.23 7.59
C LEU A 321 32.15 2.08 8.58
N MET A 322 32.74 0.97 8.14
CA MET A 322 32.89 -0.18 9.00
C MET A 322 33.83 0.09 10.18
N GLN A 323 34.86 0.90 9.96
CA GLN A 323 35.78 1.23 11.05
C GLN A 323 35.07 2.12 12.06
N HIS A 324 34.27 3.08 11.58
CA HIS A 324 33.52 3.94 12.49
C HIS A 324 32.51 3.09 13.26
N LEU A 325 31.82 2.20 12.56
CA LEU A 325 30.84 1.36 13.22
C LEU A 325 31.49 0.54 14.34
N ASP A 326 32.70 0.04 14.09
CA ASP A 326 33.40 -0.76 15.10
C ASP A 326 33.78 0.13 16.29
N ASN A 327 34.39 1.28 16.01
CA ASN A 327 34.80 2.20 17.06
C ASN A 327 33.61 2.62 17.93
N ASN A 328 32.50 2.96 17.27
CA ASN A 328 31.31 3.39 17.99
C ASN A 328 30.71 2.26 18.82
N PHE A 329 30.69 1.05 18.26
CA PHE A 329 30.15 -0.08 18.99
C PHE A 329 30.97 -0.26 20.27
N LYS A 330 32.28 -0.04 20.14
CA LYS A 330 33.17 -0.19 21.29
C LYS A 330 32.95 0.92 22.31
N TYR A 331 32.64 2.12 21.83
CA TYR A 331 32.39 3.24 22.73
C TYR A 331 31.18 2.94 23.60
N TRP A 332 30.07 2.57 22.98
CA TRP A 332 28.85 2.26 23.74
C TRP A 332 29.17 1.14 24.73
N LYS A 333 30.03 0.21 24.32
CA LYS A 333 30.43 -0.89 25.19
C LYS A 333 31.28 -0.33 26.31
N GLY A 334 32.19 0.59 25.97
CA GLY A 334 33.07 1.18 26.95
C GLY A 334 32.38 2.04 27.99
N LEU A 335 31.19 2.54 27.67
CA LEU A 335 30.45 3.38 28.59
C LEU A 335 29.80 2.59 29.72
N ASP A 336 29.87 1.26 29.64
CA ASP A 336 29.29 0.42 30.67
C ASP A 336 29.91 0.86 31.99
N GLU A 337 31.23 0.71 32.09
CA GLU A 337 31.98 1.09 33.27
C GLU A 337 31.52 0.42 34.55
N MET A 338 30.35 -0.22 34.51
CA MET A 338 29.79 -0.89 35.66
C MET A 338 29.85 -2.42 35.57
N ASP B 1 -39.03 -1.81 9.25
CA ASP B 1 -40.30 -1.93 10.03
C ASP B 1 -41.48 -1.44 9.20
N ASP B 2 -41.36 -0.22 8.67
CA ASP B 2 -42.40 0.38 7.85
C ASP B 2 -41.94 0.56 6.41
N VAL B 3 -41.39 -0.50 5.83
CA VAL B 3 -40.92 -0.45 4.45
C VAL B 3 -42.10 -0.49 3.47
N PRO B 4 -42.11 0.43 2.49
CA PRO B 4 -43.21 0.42 1.53
C PRO B 4 -43.37 -0.96 0.89
N PRO B 5 -44.62 -1.34 0.55
CA PRO B 5 -45.00 -2.62 -0.06
C PRO B 5 -44.14 -3.13 -1.20
N ARG B 6 -44.06 -2.36 -2.28
CA ARG B 6 -43.29 -2.76 -3.45
C ARG B 6 -41.85 -3.13 -3.07
N ILE B 7 -41.26 -2.35 -2.18
CA ILE B 7 -39.89 -2.60 -1.74
C ILE B 7 -39.82 -3.85 -0.87
N ALA B 8 -40.82 -4.03 0.00
CA ALA B 8 -40.86 -5.19 0.88
C ALA B 8 -40.99 -6.44 0.02
N ARG B 9 -41.77 -6.35 -1.04
CA ARG B 9 -41.96 -7.46 -1.96
C ARG B 9 -40.67 -7.75 -2.73
N ALA B 10 -40.02 -6.70 -3.21
CA ALA B 10 -38.77 -6.84 -3.96
C ALA B 10 -37.68 -7.54 -3.14
N MET B 11 -37.78 -7.45 -1.81
CA MET B 11 -36.79 -8.09 -0.94
C MET B 11 -37.25 -9.38 -0.29
N GLU B 12 -38.29 -10.00 -0.83
CA GLU B 12 -38.81 -11.23 -0.25
C GLU B 12 -37.89 -12.46 -0.26
N ASN B 13 -37.29 -12.77 -1.41
CA ASN B 13 -36.42 -13.94 -1.45
C ASN B 13 -34.93 -13.62 -1.59
N GLU B 14 -34.43 -12.72 -0.76
CA GLU B 14 -33.01 -12.33 -0.81
C GLU B 14 -32.03 -13.43 -0.44
N GLU B 15 -32.54 -14.52 0.14
CA GLU B 15 -31.70 -15.64 0.55
C GLU B 15 -31.43 -16.56 -0.62
N TYR B 16 -32.19 -16.41 -1.69
CA TYR B 16 -32.02 -17.24 -2.87
C TYR B 16 -31.03 -16.60 -3.83
N TRP B 17 -30.32 -17.43 -4.60
CA TRP B 17 -29.35 -16.91 -5.56
C TRP B 17 -30.09 -16.10 -6.61
N ASP B 18 -31.21 -16.62 -7.10
CA ASP B 18 -32.03 -15.96 -8.10
C ASP B 18 -32.76 -14.84 -7.35
N PHE B 19 -32.38 -13.58 -7.63
CA PHE B 19 -32.94 -12.43 -6.96
C PHE B 19 -33.06 -11.27 -7.94
N ASP B 20 -34.22 -10.61 -7.99
CA ASP B 20 -34.39 -9.51 -8.94
C ASP B 20 -33.83 -8.20 -8.38
N ILE B 21 -32.50 -8.06 -8.45
CA ILE B 21 -31.78 -6.91 -7.96
C ILE B 21 -32.18 -5.62 -8.67
N PHE B 22 -32.61 -5.74 -9.93
CA PHE B 22 -33.00 -4.57 -10.67
C PHE B 22 -34.40 -4.07 -10.30
N GLU B 23 -35.25 -4.97 -9.82
CA GLU B 23 -36.59 -4.57 -9.38
C GLU B 23 -36.39 -3.84 -8.04
N LEU B 24 -35.39 -4.27 -7.28
CA LEU B 24 -35.10 -3.62 -6.01
C LEU B 24 -34.58 -2.23 -6.34
N GLU B 25 -33.75 -2.14 -7.37
CA GLU B 25 -33.19 -0.86 -7.78
C GLU B 25 -34.31 0.12 -8.13
N ALA B 26 -35.20 -0.30 -9.03
CA ALA B 26 -36.34 0.53 -9.44
C ALA B 26 -37.29 0.84 -8.29
N ALA B 27 -37.68 -0.18 -7.54
CA ALA B 27 -38.60 -0.01 -6.42
C ALA B 27 -38.09 0.94 -5.34
N THR B 28 -36.77 0.97 -5.13
CA THR B 28 -36.18 1.82 -4.10
C THR B 28 -35.74 3.16 -4.66
N HIS B 29 -35.90 3.36 -5.96
CA HIS B 29 -35.51 4.59 -6.60
C HIS B 29 -34.02 4.85 -6.39
N ASN B 30 -33.23 3.85 -6.76
CA ASN B 30 -31.78 3.90 -6.66
C ASN B 30 -31.24 3.97 -5.24
N ARG B 31 -31.91 3.29 -4.33
CA ARG B 31 -31.48 3.24 -2.93
C ARG B 31 -31.55 1.79 -2.45
N PRO B 32 -31.10 0.84 -3.29
CA PRO B 32 -31.14 -0.58 -2.93
C PRO B 32 -30.25 -0.97 -1.74
N LEU B 33 -29.17 -0.24 -1.55
CA LEU B 33 -28.22 -0.56 -0.49
C LEU B 33 -28.74 -0.42 0.93
N ILE B 34 -29.40 0.69 1.25
CA ILE B 34 -29.91 0.86 2.60
C ILE B 34 -30.99 -0.17 2.92
N TYR B 35 -31.85 -0.46 1.95
CA TYR B 35 -32.92 -1.44 2.15
C TYR B 35 -32.41 -2.89 2.28
N LEU B 36 -31.58 -3.33 1.35
CA LEU B 36 -31.07 -4.70 1.44
C LEU B 36 -30.09 -4.82 2.61
N GLY B 37 -29.33 -3.76 2.85
CA GLY B 37 -28.38 -3.76 3.96
C GLY B 37 -29.03 -3.98 5.30
N LEU B 38 -30.10 -3.24 5.58
CA LEU B 38 -30.82 -3.38 6.84
C LEU B 38 -31.38 -4.78 7.00
N LYS B 39 -32.04 -5.30 5.97
CA LYS B 39 -32.63 -6.63 6.04
C LYS B 39 -31.55 -7.69 6.25
N MET B 40 -30.46 -7.58 5.49
CA MET B 40 -29.35 -8.53 5.61
C MET B 40 -28.69 -8.42 6.97
N PHE B 41 -28.30 -7.21 7.35
CA PHE B 41 -27.65 -6.99 8.63
C PHE B 41 -28.46 -7.50 9.82
N ALA B 42 -29.77 -7.30 9.77
CA ALA B 42 -30.64 -7.76 10.84
C ALA B 42 -30.63 -9.29 10.87
N ARG B 43 -30.88 -9.90 9.71
CA ARG B 43 -30.89 -11.35 9.61
C ARG B 43 -29.59 -11.94 10.17
N PHE B 44 -28.49 -11.19 10.08
CA PHE B 44 -27.21 -11.64 10.62
C PHE B 44 -26.94 -11.10 12.02
N GLY B 45 -27.89 -10.33 12.55
CA GLY B 45 -27.76 -9.76 13.88
C GLY B 45 -26.47 -8.98 14.09
N ILE B 46 -26.16 -8.10 13.16
CA ILE B 46 -24.94 -7.33 13.23
C ILE B 46 -24.90 -6.24 14.30
N CYS B 47 -25.95 -5.44 14.44
CA CYS B 47 -25.89 -4.42 15.51
C CYS B 47 -25.92 -5.15 16.84
N GLU B 48 -26.59 -6.29 16.85
CA GLU B 48 -26.69 -7.10 18.05
C GLU B 48 -25.30 -7.69 18.35
N PHE B 49 -24.34 -7.34 17.50
CA PHE B 49 -22.95 -7.79 17.61
C PHE B 49 -22.02 -6.60 17.83
N LEU B 50 -22.23 -5.53 17.07
CA LEU B 50 -21.42 -4.31 17.17
C LEU B 50 -21.99 -3.40 18.25
N HIS B 51 -23.14 -3.79 18.80
CA HIS B 51 -23.81 -3.01 19.83
C HIS B 51 -24.17 -1.63 19.30
N CYS B 52 -24.80 -1.59 18.13
CA CYS B 52 -25.23 -0.34 17.53
C CYS B 52 -26.75 -0.26 17.44
N SER B 53 -27.27 0.95 17.34
CA SER B 53 -28.70 1.15 17.22
C SER B 53 -29.08 1.11 15.75
N GLU B 54 -30.26 0.58 15.46
CA GLU B 54 -30.73 0.49 14.10
C GLU B 54 -30.64 1.86 13.46
N SER B 55 -30.78 2.90 14.28
CA SER B 55 -30.72 4.27 13.82
C SER B 55 -29.30 4.60 13.37
N THR B 56 -28.32 4.12 14.13
CA THR B 56 -26.92 4.35 13.79
C THR B 56 -26.59 3.60 12.49
N LEU B 57 -27.19 2.43 12.32
CA LEU B 57 -26.96 1.63 11.13
C LEU B 57 -27.60 2.30 9.92
N ARG B 58 -28.83 2.78 10.08
CA ARG B 58 -29.53 3.45 8.99
C ARG B 58 -28.72 4.64 8.49
N SER B 59 -28.22 5.44 9.43
CA SER B 59 -27.41 6.61 9.07
C SER B 59 -26.13 6.18 8.37
N TRP B 60 -25.54 5.10 8.85
CA TRP B 60 -24.31 4.59 8.26
C TRP B 60 -24.57 4.16 6.81
N LEU B 61 -25.52 3.23 6.64
CA LEU B 61 -25.88 2.74 5.31
C LEU B 61 -26.26 3.91 4.37
N GLN B 62 -26.99 4.88 4.90
CA GLN B 62 -27.39 6.02 4.09
C GLN B 62 -26.21 6.85 3.60
N ILE B 63 -25.22 7.07 4.47
CA ILE B 63 -24.09 7.88 4.07
C ILE B 63 -23.16 7.14 3.11
N ILE B 64 -23.06 5.82 3.24
CA ILE B 64 -22.22 5.06 2.34
C ILE B 64 -22.90 5.02 0.97
N GLU B 65 -24.22 4.79 0.94
CA GLU B 65 -24.95 4.75 -0.33
C GLU B 65 -24.83 6.09 -1.05
N ALA B 66 -24.98 7.18 -0.30
CA ALA B 66 -24.90 8.51 -0.87
C ALA B 66 -23.55 8.78 -1.52
N ASN B 67 -22.53 8.06 -1.07
CA ASN B 67 -21.20 8.27 -1.65
C ASN B 67 -20.88 7.35 -2.83
N TYR B 68 -21.89 6.60 -3.29
CA TYR B 68 -21.75 5.76 -4.48
C TYR B 68 -22.34 6.67 -5.56
N HIS B 69 -21.64 6.83 -6.68
CA HIS B 69 -22.10 7.70 -7.76
C HIS B 69 -23.20 7.08 -8.62
N SER B 70 -24.44 7.55 -8.46
CA SER B 70 -25.56 7.03 -9.25
C SER B 70 -25.31 7.23 -10.74
N SER B 71 -24.53 8.26 -11.06
CA SER B 71 -24.19 8.57 -12.44
C SER B 71 -23.35 7.46 -13.10
N ASN B 72 -22.68 6.62 -12.32
CA ASN B 72 -21.89 5.53 -12.90
C ASN B 72 -22.82 4.46 -13.47
N PRO B 73 -22.56 3.99 -14.70
CA PRO B 73 -23.43 2.95 -15.27
C PRO B 73 -23.32 1.67 -14.44
N TYR B 74 -22.09 1.31 -14.07
CA TYR B 74 -21.89 0.09 -13.30
C TYR B 74 -21.60 0.28 -11.82
N HIS B 75 -20.52 0.99 -11.51
CA HIS B 75 -20.12 1.21 -10.13
C HIS B 75 -20.93 2.22 -9.33
N ASN B 76 -22.20 1.87 -9.14
CA ASN B 76 -23.15 2.68 -8.37
C ASN B 76 -23.61 1.80 -7.21
N SER B 77 -24.49 2.30 -6.35
CA SER B 77 -24.92 1.53 -5.17
C SER B 77 -25.63 0.20 -5.46
N THR B 78 -26.14 0.02 -6.67
CA THR B 78 -26.82 -1.23 -7.00
C THR B 78 -25.79 -2.35 -7.12
N HIS B 79 -24.63 -2.03 -7.69
CA HIS B 79 -23.57 -3.03 -7.79
C HIS B 79 -23.17 -3.50 -6.39
N SER B 80 -23.01 -2.54 -5.48
CA SER B 80 -22.63 -2.85 -4.11
C SER B 80 -23.69 -3.72 -3.45
N ALA B 81 -24.96 -3.38 -3.65
CA ALA B 81 -26.05 -4.15 -3.06
C ALA B 81 -25.99 -5.58 -3.59
N ASP B 82 -25.69 -5.71 -4.88
CA ASP B 82 -25.59 -7.02 -5.53
C ASP B 82 -24.46 -7.86 -4.91
N VAL B 83 -23.30 -7.23 -4.71
CA VAL B 83 -22.15 -7.90 -4.11
C VAL B 83 -22.49 -8.29 -2.68
N LEU B 84 -23.23 -7.43 -2.00
CA LEU B 84 -23.64 -7.70 -0.61
C LEU B 84 -24.50 -8.95 -0.59
N HIS B 85 -25.42 -9.03 -1.55
CA HIS B 85 -26.31 -10.18 -1.69
C HIS B 85 -25.54 -11.48 -1.95
N ALA B 86 -24.55 -11.42 -2.84
CA ALA B 86 -23.75 -12.61 -3.14
C ALA B 86 -22.93 -13.02 -1.91
N THR B 87 -22.43 -12.03 -1.17
CA THR B 87 -21.64 -12.29 0.02
C THR B 87 -22.48 -13.03 1.07
N ALA B 88 -23.70 -12.56 1.28
CA ALA B 88 -24.60 -13.20 2.24
C ALA B 88 -24.89 -14.63 1.79
N TYR B 89 -25.09 -14.81 0.50
CA TYR B 89 -25.37 -16.14 -0.02
C TYR B 89 -24.21 -17.11 0.29
N PHE B 90 -22.98 -16.60 0.24
CA PHE B 90 -21.80 -17.42 0.51
C PHE B 90 -21.61 -17.70 1.99
N LEU B 91 -21.85 -16.69 2.82
CA LEU B 91 -21.70 -16.85 4.25
C LEU B 91 -22.74 -17.84 4.75
N SER B 92 -23.83 -18.00 4.01
CA SER B 92 -24.90 -18.91 4.40
C SER B 92 -24.67 -20.37 4.00
N LYS B 93 -23.54 -20.67 3.35
CA LYS B 93 -23.25 -22.04 2.95
C LYS B 93 -22.58 -22.80 4.08
N GLU B 94 -22.89 -24.08 4.20
CA GLU B 94 -22.32 -24.92 5.25
C GLU B 94 -20.82 -24.73 5.40
N ARG B 95 -20.08 -25.03 4.34
CA ARG B 95 -18.64 -24.90 4.37
C ARG B 95 -18.17 -23.60 5.03
N ILE B 96 -18.83 -22.49 4.68
CA ILE B 96 -18.46 -21.19 5.24
C ILE B 96 -18.91 -21.00 6.68
N LYS B 97 -20.13 -21.45 7.01
CA LYS B 97 -20.61 -21.32 8.39
C LYS B 97 -19.66 -22.11 9.29
N GLU B 98 -19.31 -23.31 8.86
CA GLU B 98 -18.43 -24.18 9.65
C GLU B 98 -16.96 -23.87 9.54
N THR B 99 -16.61 -22.69 9.01
CA THR B 99 -15.20 -22.34 8.87
C THR B 99 -14.88 -20.92 9.35
N LEU B 100 -15.78 -19.99 9.10
CA LEU B 100 -15.55 -18.60 9.51
C LEU B 100 -16.19 -18.28 10.86
N ASP B 101 -15.60 -17.32 11.56
CA ASP B 101 -16.13 -16.90 12.86
C ASP B 101 -17.07 -15.72 12.65
N PRO B 102 -18.00 -15.51 13.58
CA PRO B 102 -18.95 -14.40 13.48
C PRO B 102 -18.31 -13.07 13.13
N ILE B 103 -17.11 -12.81 13.64
CA ILE B 103 -16.43 -11.55 13.33
C ILE B 103 -16.01 -11.50 11.86
N ASP B 104 -15.81 -12.66 11.26
CA ASP B 104 -15.43 -12.72 9.85
C ASP B 104 -16.66 -12.38 9.02
N GLU B 105 -17.81 -12.90 9.44
CA GLU B 105 -19.07 -12.63 8.77
C GLU B 105 -19.34 -11.13 8.77
N VAL B 106 -19.16 -10.51 9.92
CA VAL B 106 -19.37 -9.07 10.05
C VAL B 106 -18.44 -8.34 9.09
N ALA B 107 -17.17 -8.73 9.09
CA ALA B 107 -16.17 -8.12 8.22
C ALA B 107 -16.59 -8.21 6.75
N ALA B 108 -16.99 -9.41 6.34
CA ALA B 108 -17.40 -9.65 4.96
C ALA B 108 -18.62 -8.84 4.52
N LEU B 109 -19.63 -8.77 5.38
CA LEU B 109 -20.85 -8.03 5.04
C LEU B 109 -20.59 -6.52 4.96
N ILE B 110 -19.69 -6.04 5.81
CA ILE B 110 -19.35 -4.62 5.81
C ILE B 110 -18.42 -4.31 4.63
N ALA B 111 -17.51 -5.23 4.35
CA ALA B 111 -16.57 -5.05 3.24
C ALA B 111 -17.34 -4.96 1.92
N ALA B 112 -18.28 -5.89 1.72
CA ALA B 112 -19.10 -5.92 0.51
C ALA B 112 -19.80 -4.59 0.31
N THR B 113 -20.43 -4.10 1.39
CA THR B 113 -21.16 -2.84 1.36
C THR B 113 -20.32 -1.62 0.97
N ILE B 114 -19.10 -1.53 1.49
CA ILE B 114 -18.25 -0.38 1.21
C ILE B 114 -17.17 -0.55 0.15
N HIS B 115 -16.88 -1.79 -0.24
CA HIS B 115 -15.78 -2.06 -1.16
C HIS B 115 -15.55 -1.17 -2.39
N ASP B 116 -16.59 -0.48 -2.86
CA ASP B 116 -16.43 0.39 -4.03
C ASP B 116 -16.90 1.83 -3.82
N VAL B 117 -17.14 2.21 -2.56
CA VAL B 117 -17.65 3.55 -2.28
C VAL B 117 -16.85 4.69 -2.92
N ASP B 118 -17.57 5.62 -3.54
CA ASP B 118 -16.98 6.79 -4.22
C ASP B 118 -16.17 6.43 -5.46
N HIS B 119 -16.45 5.26 -6.02
CA HIS B 119 -15.78 4.81 -7.24
C HIS B 119 -16.13 5.87 -8.29
N PRO B 120 -15.13 6.32 -9.07
CA PRO B 120 -15.35 7.34 -10.11
C PRO B 120 -15.67 6.82 -11.51
N GLY B 121 -15.91 5.51 -11.67
CA GLY B 121 -16.24 4.99 -12.98
C GLY B 121 -15.04 4.95 -13.91
N ARG B 122 -13.85 4.98 -13.33
CA ARG B 122 -12.59 4.93 -14.08
C ARG B 122 -11.69 3.91 -13.39
N THR B 123 -10.79 3.28 -14.13
CA THR B 123 -9.90 2.27 -13.56
C THR B 123 -8.69 2.91 -12.88
N ASN B 124 -7.93 2.11 -12.12
CA ASN B 124 -6.75 2.63 -11.44
C ASN B 124 -5.72 3.16 -12.45
N SER B 125 -5.54 2.45 -13.55
CA SER B 125 -4.58 2.86 -14.58
C SER B 125 -4.94 4.21 -15.21
N PHE B 126 -6.23 4.52 -15.25
CA PHE B 126 -6.68 5.80 -15.81
C PHE B 126 -6.26 6.92 -14.87
N LEU B 127 -6.63 6.80 -13.59
CA LEU B 127 -6.29 7.80 -12.58
C LEU B 127 -4.78 8.04 -12.52
N CYS B 128 -4.00 6.98 -12.61
CA CYS B 128 -2.55 7.12 -12.57
C CYS B 128 -2.08 7.91 -13.78
N ASN B 129 -2.52 7.51 -14.97
CA ASN B 129 -2.13 8.21 -16.20
C ASN B 129 -2.51 9.69 -16.21
N ALA B 130 -3.61 10.02 -15.52
CA ALA B 130 -4.08 11.40 -15.46
C ALA B 130 -3.43 12.20 -14.35
N GLY B 131 -2.72 11.52 -13.44
CA GLY B 131 -2.11 12.23 -12.34
C GLY B 131 -3.22 12.69 -11.42
N SER B 132 -4.29 11.92 -11.38
CA SER B 132 -5.44 12.22 -10.54
C SER B 132 -5.02 12.40 -9.09
N GLU B 133 -5.76 13.23 -8.37
CA GLU B 133 -5.47 13.51 -6.98
C GLU B 133 -5.33 12.24 -6.15
N LEU B 134 -6.21 11.26 -6.39
CA LEU B 134 -6.16 10.01 -5.65
C LEU B 134 -4.92 9.20 -6.02
N ALA B 135 -4.50 9.27 -7.28
CA ALA B 135 -3.33 8.52 -7.69
C ALA B 135 -2.09 9.12 -7.02
N ILE B 136 -2.09 10.44 -6.89
CA ILE B 136 -0.97 11.12 -6.26
C ILE B 136 -1.00 10.86 -4.75
N LEU B 137 -2.20 10.85 -4.19
CA LEU B 137 -2.40 10.60 -2.76
C LEU B 137 -1.96 9.18 -2.37
N TYR B 138 -2.20 8.22 -3.24
CA TYR B 138 -1.85 6.84 -2.95
C TYR B 138 -0.64 6.31 -3.71
N ASN B 139 0.17 7.23 -4.21
CA ASN B 139 1.39 6.87 -4.93
C ASN B 139 1.18 5.82 -6.02
N ASP B 140 0.10 5.99 -6.78
CA ASP B 140 -0.24 5.07 -7.87
C ASP B 140 -0.33 3.63 -7.46
N THR B 141 -0.60 3.37 -6.18
CA THR B 141 -0.68 2.00 -5.70
C THR B 141 -2.06 1.63 -5.15
N ALA B 142 -2.69 0.64 -5.77
CA ALA B 142 -4.02 0.19 -5.34
C ALA B 142 -4.87 1.43 -5.04
N VAL B 143 -4.77 2.41 -5.92
CA VAL B 143 -5.46 3.68 -5.76
C VAL B 143 -6.92 3.68 -5.33
N LEU B 144 -7.80 3.08 -6.13
CA LEU B 144 -9.21 3.10 -5.77
C LEU B 144 -9.54 2.27 -4.53
N GLU B 145 -8.95 1.08 -4.41
CA GLU B 145 -9.22 0.22 -3.26
C GLU B 145 -8.84 0.86 -1.94
N SER B 146 -7.67 1.50 -1.90
CA SER B 146 -7.21 2.18 -0.70
C SER B 146 -8.22 3.26 -0.38
N HIS B 147 -8.64 3.95 -1.42
CA HIS B 147 -9.60 5.03 -1.27
C HIS B 147 -10.94 4.52 -0.75
N HIS B 148 -11.45 3.41 -1.29
CA HIS B 148 -12.73 2.90 -0.83
C HIS B 148 -12.69 2.62 0.67
N ALA B 149 -11.66 1.89 1.10
CA ALA B 149 -11.51 1.54 2.50
C ALA B 149 -11.34 2.78 3.38
N ALA B 150 -10.42 3.67 3.00
CA ALA B 150 -10.16 4.88 3.76
C ALA B 150 -11.37 5.80 3.89
N LEU B 151 -11.99 6.15 2.77
CA LEU B 151 -13.15 7.02 2.81
C LEU B 151 -14.25 6.40 3.68
N ALA B 152 -14.44 5.09 3.57
CA ALA B 152 -15.46 4.40 4.34
C ALA B 152 -15.24 4.61 5.84
N PHE B 153 -14.00 4.46 6.30
CA PHE B 153 -13.73 4.66 7.71
C PHE B 153 -13.86 6.12 8.11
N GLN B 154 -13.47 7.03 7.23
CA GLN B 154 -13.59 8.45 7.53
C GLN B 154 -15.06 8.83 7.73
N LEU B 155 -15.93 8.32 6.86
CA LEU B 155 -17.37 8.62 6.93
C LEU B 155 -18.03 8.00 8.16
N THR B 156 -17.56 6.82 8.54
CA THR B 156 -18.13 6.09 9.67
C THR B 156 -17.77 6.66 11.03
N THR B 157 -16.49 6.92 11.24
CA THR B 157 -16.03 7.44 12.53
C THR B 157 -15.90 8.96 12.53
N GLY B 158 -16.35 9.61 11.46
CA GLY B 158 -16.26 11.05 11.38
C GLY B 158 -17.49 11.73 11.97
N ASP B 159 -18.55 10.96 12.16
CA ASP B 159 -19.80 11.47 12.70
C ASP B 159 -20.38 10.43 13.67
N ASP B 160 -20.41 10.79 14.95
CA ASP B 160 -20.91 9.91 16.00
C ASP B 160 -22.17 9.12 15.67
N LYS B 161 -23.12 9.75 14.97
CA LYS B 161 -24.36 9.05 14.63
C LYS B 161 -24.26 8.14 13.43
N CYS B 162 -23.06 8.03 12.86
CA CYS B 162 -22.82 7.17 11.71
C CYS B 162 -21.89 6.04 12.09
N ASN B 163 -21.14 6.24 13.17
CA ASN B 163 -20.18 5.24 13.63
C ASN B 163 -20.80 4.00 14.26
N ILE B 164 -20.94 2.96 13.45
CA ILE B 164 -21.50 1.68 13.91
C ILE B 164 -20.50 0.92 14.77
N PHE B 165 -19.28 1.45 14.89
CA PHE B 165 -18.24 0.81 15.68
C PHE B 165 -18.10 1.45 17.06
N LYS B 166 -18.70 2.63 17.21
CA LYS B 166 -18.67 3.41 18.45
C LYS B 166 -18.63 2.64 19.76
N ASN B 167 -19.48 1.63 19.90
CA ASN B 167 -19.55 0.85 21.14
C ASN B 167 -18.76 -0.47 21.16
N MET B 168 -17.62 -0.51 20.47
CA MET B 168 -16.80 -1.73 20.45
C MET B 168 -15.55 -1.56 21.30
N GLU B 169 -14.99 -2.68 21.75
CA GLU B 169 -13.78 -2.64 22.56
C GLU B 169 -12.59 -2.61 21.62
N ARG B 170 -11.64 -1.71 21.89
CA ARG B 170 -10.45 -1.57 21.06
C ARG B 170 -10.00 -2.82 20.32
N ASN B 171 -9.72 -3.88 21.06
CA ASN B 171 -9.27 -5.13 20.44
C ASN B 171 -10.21 -5.65 19.38
N ASP B 172 -11.47 -5.83 19.75
CA ASP B 172 -12.47 -6.32 18.81
C ASP B 172 -12.55 -5.45 17.57
N TYR B 173 -12.68 -4.13 17.77
CA TYR B 173 -12.76 -3.20 16.66
C TYR B 173 -11.50 -3.27 15.79
N ARG B 174 -10.35 -3.25 16.46
CA ARG B 174 -9.07 -3.31 15.78
C ARG B 174 -8.97 -4.55 14.89
N THR B 175 -9.44 -5.69 15.41
CA THR B 175 -9.41 -6.93 14.67
C THR B 175 -10.40 -6.89 13.50
N LEU B 176 -11.59 -6.33 13.73
CA LEU B 176 -12.61 -6.22 12.71
C LEU B 176 -12.15 -5.27 11.59
N ARG B 177 -11.58 -4.14 11.99
CA ARG B 177 -11.08 -3.15 11.05
C ARG B 177 -10.05 -3.73 10.09
N GLN B 178 -9.09 -4.48 10.62
CA GLN B 178 -8.06 -5.07 9.78
C GLN B 178 -8.68 -6.08 8.81
N GLY B 179 -9.69 -6.82 9.29
CA GLY B 179 -10.35 -7.80 8.44
C GLY B 179 -11.04 -7.13 7.27
N ILE B 180 -11.74 -6.04 7.56
CA ILE B 180 -12.45 -5.28 6.53
C ILE B 180 -11.48 -4.69 5.51
N ILE B 181 -10.42 -4.05 5.98
CA ILE B 181 -9.46 -3.46 5.07
C ILE B 181 -8.87 -4.52 4.15
N ASP B 182 -8.54 -5.68 4.72
CA ASP B 182 -7.96 -6.77 3.97
C ASP B 182 -8.89 -7.22 2.83
N MET B 183 -10.17 -7.37 3.12
CA MET B 183 -11.10 -7.79 2.07
C MET B 183 -11.24 -6.73 0.97
N VAL B 184 -11.33 -5.46 1.35
CA VAL B 184 -11.45 -4.41 0.36
C VAL B 184 -10.22 -4.35 -0.54
N LEU B 185 -9.03 -4.43 0.06
CA LEU B 185 -7.80 -4.38 -0.71
C LEU B 185 -7.66 -5.60 -1.61
N ALA B 186 -8.19 -6.73 -1.17
CA ALA B 186 -8.13 -7.95 -1.96
C ALA B 186 -8.95 -7.88 -3.25
N THR B 187 -9.79 -6.85 -3.40
CA THR B 187 -10.59 -6.73 -4.61
C THR B 187 -9.81 -6.12 -5.77
N GLU B 188 -8.59 -5.63 -5.52
CA GLU B 188 -7.79 -5.07 -6.61
C GLU B 188 -7.41 -6.21 -7.56
N MET B 189 -7.81 -6.06 -8.83
CA MET B 189 -7.58 -7.11 -9.81
C MET B 189 -6.14 -7.46 -10.20
N THR B 190 -5.19 -6.54 -10.06
CA THR B 190 -3.81 -6.85 -10.40
C THR B 190 -3.28 -8.01 -9.57
N LYS B 191 -3.89 -8.25 -8.42
CA LYS B 191 -3.47 -9.34 -7.56
C LYS B 191 -4.39 -10.56 -7.67
N HIS B 192 -5.28 -10.54 -8.66
CA HIS B 192 -6.22 -11.65 -8.87
C HIS B 192 -5.63 -13.04 -8.79
N PHE B 193 -4.69 -13.34 -9.69
CA PHE B 193 -4.09 -14.66 -9.73
C PHE B 193 -3.32 -15.02 -8.46
N GLU B 194 -2.68 -14.04 -7.84
CA GLU B 194 -1.96 -14.29 -6.60
C GLU B 194 -2.96 -14.81 -5.56
N HIS B 195 -4.11 -14.13 -5.46
CA HIS B 195 -5.12 -14.52 -4.48
C HIS B 195 -5.80 -15.86 -4.77
N VAL B 196 -6.08 -16.12 -6.04
CA VAL B 196 -6.72 -17.38 -6.42
C VAL B 196 -5.78 -18.55 -6.20
N ASN B 197 -4.52 -18.41 -6.64
CA ASN B 197 -3.56 -19.48 -6.47
C ASN B 197 -3.27 -19.82 -5.01
N LYS B 198 -3.15 -18.82 -4.16
CA LYS B 198 -2.91 -19.10 -2.75
C LYS B 198 -4.09 -19.86 -2.15
N PHE B 199 -5.30 -19.57 -2.61
CA PHE B 199 -6.50 -20.25 -2.12
C PHE B 199 -6.46 -21.71 -2.58
N VAL B 200 -6.09 -21.91 -3.85
CA VAL B 200 -6.01 -23.26 -4.39
C VAL B 200 -4.92 -24.07 -3.67
N ASN B 201 -3.73 -23.47 -3.52
CA ASN B 201 -2.61 -24.15 -2.87
C ASN B 201 -2.73 -24.38 -1.37
N SER B 202 -3.33 -23.45 -0.65
CA SER B 202 -3.46 -23.58 0.80
C SER B 202 -4.79 -24.15 1.29
N ILE B 203 -5.78 -24.23 0.41
CA ILE B 203 -7.08 -24.73 0.83
C ILE B 203 -7.62 -25.91 0.01
N ASN B 204 -7.85 -25.70 -1.28
CA ASN B 204 -8.38 -26.79 -2.12
C ASN B 204 -7.51 -28.04 -2.14
N LYS B 205 -6.21 -27.87 -2.33
CA LYS B 205 -5.31 -29.02 -2.38
C LYS B 205 -5.12 -29.72 -1.04
N PRO B 206 -4.73 -28.98 0.01
CA PRO B 206 -4.56 -29.64 1.30
C PRO B 206 -5.82 -30.36 1.76
N LEU B 207 -6.98 -29.76 1.48
CA LEU B 207 -8.25 -30.35 1.86
C LEU B 207 -8.54 -31.61 1.06
N ALA B 208 -8.18 -31.59 -0.22
CA ALA B 208 -8.41 -32.75 -1.08
C ALA B 208 -7.56 -33.90 -0.57
N THR B 209 -6.34 -33.59 -0.13
CA THR B 209 -5.43 -34.60 0.39
C THR B 209 -6.05 -35.28 1.61
N LEU B 210 -6.56 -34.49 2.53
CA LEU B 210 -7.18 -35.05 3.74
C LEU B 210 -8.44 -35.81 3.38
N GLU B 211 -9.09 -35.40 2.30
CA GLU B 211 -10.31 -36.07 1.87
C GLU B 211 -10.04 -37.37 1.15
N GLU B 212 -8.77 -37.76 1.11
CA GLU B 212 -8.38 -39.02 0.49
C GLU B 212 -8.54 -40.07 1.58
N ASN B 213 -8.25 -39.66 2.81
CA ASN B 213 -8.36 -40.52 3.98
C ASN B 213 -9.83 -40.79 4.28
N GLY B 214 -10.63 -40.89 3.23
CA GLY B 214 -12.05 -41.14 3.41
C GLY B 214 -12.75 -39.96 4.03
N GLU B 215 -11.99 -39.05 4.63
CA GLU B 215 -12.54 -37.86 5.28
C GLU B 215 -13.29 -38.31 6.52
N THR B 216 -13.79 -39.54 6.44
CA THR B 216 -14.58 -40.20 7.47
C THR B 216 -14.42 -39.73 8.92
N ASP B 217 -13.87 -40.61 9.75
CA ASP B 217 -13.66 -40.39 11.17
C ASP B 217 -13.06 -39.06 11.60
N LYS B 218 -12.25 -39.12 12.65
CA LYS B 218 -11.57 -37.97 13.23
C LYS B 218 -10.86 -37.13 12.20
N ASN B 219 -10.89 -37.57 10.94
CA ASN B 219 -10.26 -36.86 9.85
C ASN B 219 -10.89 -35.46 9.77
N GLN B 220 -12.16 -35.37 10.15
CA GLN B 220 -12.89 -34.11 10.14
C GLN B 220 -12.14 -33.05 10.93
N GLU B 221 -11.89 -33.35 12.21
CA GLU B 221 -11.19 -32.43 13.09
C GLU B 221 -9.90 -31.94 12.46
N VAL B 222 -9.17 -32.86 11.84
CA VAL B 222 -7.92 -32.51 11.19
C VAL B 222 -8.22 -31.44 10.15
N ILE B 223 -9.30 -31.66 9.39
CA ILE B 223 -9.73 -30.73 8.36
C ILE B 223 -10.20 -29.39 8.95
N ASN B 224 -11.12 -29.48 9.91
CA ASN B 224 -11.65 -28.28 10.55
C ASN B 224 -10.57 -27.48 11.26
N THR B 225 -9.58 -28.18 11.81
CA THR B 225 -8.49 -27.52 12.51
C THR B 225 -7.65 -26.75 11.50
N MET B 226 -7.52 -27.32 10.31
CA MET B 226 -6.72 -26.73 9.24
C MET B 226 -7.38 -25.51 8.59
N LEU B 227 -8.68 -25.61 8.30
CA LEU B 227 -9.40 -24.51 7.65
C LEU B 227 -9.67 -23.31 8.56
N ARG B 228 -9.73 -23.56 9.86
CA ARG B 228 -10.02 -22.50 10.81
C ARG B 228 -8.87 -21.65 11.30
N THR B 229 -7.65 -21.93 10.86
CA THR B 229 -6.53 -21.10 11.30
C THR B 229 -6.76 -19.69 10.75
N PRO B 230 -6.34 -18.66 11.49
CA PRO B 230 -6.55 -17.29 11.01
C PRO B 230 -5.97 -17.03 9.62
N GLU B 231 -4.91 -17.74 9.26
CA GLU B 231 -4.28 -17.59 7.96
C GLU B 231 -5.22 -18.06 6.85
N ASN B 232 -5.81 -19.22 7.03
CA ASN B 232 -6.70 -19.76 6.03
C ASN B 232 -8.06 -19.08 6.02
N ARG B 233 -8.45 -18.50 7.15
CA ARG B 233 -9.73 -17.80 7.19
C ARG B 233 -9.58 -16.52 6.36
N THR B 234 -8.39 -15.92 6.43
CA THR B 234 -8.08 -14.71 5.66
C THR B 234 -8.16 -15.00 4.15
N LEU B 235 -7.60 -16.14 3.75
CA LEU B 235 -7.59 -16.57 2.35
C LEU B 235 -9.00 -16.90 1.89
N ILE B 236 -9.80 -17.46 2.80
CA ILE B 236 -11.16 -17.82 2.48
C ILE B 236 -11.99 -16.55 2.32
N LYS B 237 -11.77 -15.59 3.22
CA LYS B 237 -12.49 -14.32 3.18
C LYS B 237 -12.11 -13.54 1.93
N ARG B 238 -10.85 -13.62 1.54
CA ARG B 238 -10.39 -12.92 0.33
C ARG B 238 -11.06 -13.54 -0.91
N MET B 239 -11.10 -14.86 -0.94
CA MET B 239 -11.71 -15.57 -2.07
C MET B 239 -13.20 -15.25 -2.09
N LEU B 240 -13.83 -15.21 -0.92
CA LEU B 240 -15.27 -14.95 -0.83
C LEU B 240 -15.66 -13.60 -1.41
N ILE B 241 -14.97 -12.53 -1.01
CA ILE B 241 -15.32 -11.22 -1.53
C ILE B 241 -14.95 -11.06 -3.01
N LYS B 242 -13.85 -11.66 -3.44
CA LYS B 242 -13.44 -11.58 -4.85
C LYS B 242 -14.50 -12.25 -5.72
N CYS B 243 -14.99 -13.41 -5.31
CA CYS B 243 -16.00 -14.12 -6.09
C CYS B 243 -17.34 -13.38 -6.07
N ALA B 244 -17.67 -12.76 -4.94
CA ALA B 244 -18.93 -12.03 -4.86
C ALA B 244 -18.86 -10.82 -5.78
N ASP B 245 -17.71 -10.17 -5.77
CA ASP B 245 -17.44 -8.97 -6.57
C ASP B 245 -17.64 -9.18 -8.08
N VAL B 246 -17.18 -10.32 -8.62
CA VAL B 246 -17.34 -10.58 -10.06
C VAL B 246 -18.22 -11.79 -10.34
N SER B 247 -19.33 -11.87 -9.62
CA SER B 247 -20.26 -12.98 -9.76
C SER B 247 -21.35 -12.76 -10.82
N ASN B 248 -21.29 -11.65 -11.55
CA ASN B 248 -22.31 -11.35 -12.57
C ASN B 248 -22.51 -12.50 -13.56
N PRO B 249 -21.42 -13.14 -14.04
CA PRO B 249 -21.51 -14.25 -14.98
C PRO B 249 -22.21 -15.50 -14.44
N CYS B 250 -22.36 -15.60 -13.13
CA CYS B 250 -23.03 -16.75 -12.51
C CYS B 250 -24.49 -16.46 -12.15
N ARG B 251 -25.01 -15.34 -12.63
CA ARG B 251 -26.40 -14.94 -12.33
C ARG B 251 -27.37 -15.36 -13.43
N PRO B 252 -28.69 -15.33 -13.16
CA PRO B 252 -29.67 -15.69 -14.18
C PRO B 252 -29.35 -14.86 -15.44
N LEU B 253 -29.49 -15.46 -16.61
CA LEU B 253 -29.17 -14.81 -17.88
C LEU B 253 -29.58 -13.35 -18.08
N GLN B 254 -30.81 -13.00 -17.71
CA GLN B 254 -31.27 -11.61 -17.87
C GLN B 254 -30.33 -10.65 -17.13
N TYR B 255 -30.03 -10.98 -15.88
CA TYR B 255 -29.16 -10.16 -15.04
C TYR B 255 -27.75 -10.10 -15.59
N CYS B 256 -27.22 -11.26 -15.97
CA CYS B 256 -25.89 -11.37 -16.54
C CYS B 256 -25.72 -10.38 -17.68
N ILE B 257 -26.70 -10.36 -18.59
CA ILE B 257 -26.68 -9.48 -19.75
C ILE B 257 -26.67 -8.00 -19.35
N GLU B 258 -27.52 -7.64 -18.40
CA GLU B 258 -27.60 -6.25 -17.93
C GLU B 258 -26.28 -5.80 -17.31
N TRP B 259 -25.70 -6.63 -16.45
CA TRP B 259 -24.43 -6.29 -15.82
C TRP B 259 -23.37 -6.05 -16.88
N ALA B 260 -23.36 -6.88 -17.92
CA ALA B 260 -22.38 -6.75 -19.00
C ALA B 260 -22.58 -5.44 -19.74
N ALA B 261 -23.85 -5.06 -19.95
CA ALA B 261 -24.15 -3.81 -20.65
C ALA B 261 -23.65 -2.62 -19.82
N ARG B 262 -23.89 -2.66 -18.52
CA ARG B 262 -23.48 -1.60 -17.63
C ARG B 262 -21.96 -1.44 -17.54
N ILE B 263 -21.25 -2.53 -17.26
CA ILE B 263 -19.79 -2.44 -17.16
C ILE B 263 -19.17 -1.99 -18.48
N SER B 264 -19.70 -2.51 -19.59
CA SER B 264 -19.20 -2.16 -20.92
C SER B 264 -19.35 -0.66 -21.17
N GLU B 265 -20.52 -0.10 -20.90
CA GLU B 265 -20.74 1.33 -21.10
C GLU B 265 -19.82 2.18 -20.21
N GLU B 266 -19.49 1.67 -19.02
CA GLU B 266 -18.61 2.41 -18.13
C GLU B 266 -17.20 2.42 -18.72
N TYR B 267 -16.80 1.29 -19.30
CA TYR B 267 -15.48 1.19 -19.92
C TYR B 267 -15.42 2.04 -21.19
N PHE B 268 -16.49 2.01 -21.99
CA PHE B 268 -16.53 2.78 -23.22
C PHE B 268 -16.34 4.27 -22.94
N SER B 269 -17.01 4.77 -21.90
CA SER B 269 -16.88 6.17 -21.51
C SER B 269 -15.42 6.54 -21.29
N GLN B 270 -14.73 5.69 -20.53
CA GLN B 270 -13.33 5.93 -20.25
C GLN B 270 -12.51 6.00 -21.52
N THR B 271 -12.70 5.04 -22.42
CA THR B 271 -11.96 5.01 -23.66
C THR B 271 -12.16 6.29 -24.46
N ASP B 272 -13.39 6.81 -24.44
CA ASP B 272 -13.69 8.05 -25.15
C ASP B 272 -12.89 9.20 -24.55
N GLU B 273 -12.89 9.28 -23.22
CA GLU B 273 -12.17 10.34 -22.54
C GLU B 273 -10.65 10.24 -22.72
N GLU B 274 -10.12 9.03 -22.64
CA GLU B 274 -8.68 8.83 -22.79
C GLU B 274 -8.16 9.35 -24.13
N LYS B 275 -8.81 8.97 -25.22
CA LYS B 275 -8.41 9.39 -26.54
C LYS B 275 -8.60 10.90 -26.74
N GLN B 276 -9.56 11.47 -26.01
CA GLN B 276 -9.83 12.90 -26.10
C GLN B 276 -8.71 13.69 -25.45
N GLN B 277 -8.27 13.25 -24.27
CA GLN B 277 -7.21 13.91 -23.53
C GLN B 277 -5.84 13.35 -23.92
N GLY B 278 -5.80 12.61 -25.02
CA GLY B 278 -4.54 12.04 -25.48
C GLY B 278 -3.90 11.06 -24.50
N LEU B 279 -4.54 10.85 -23.36
CA LEU B 279 -4.02 9.92 -22.35
C LEU B 279 -3.78 8.54 -22.95
N PRO B 280 -2.77 7.82 -22.43
CA PRO B 280 -2.49 6.49 -22.96
C PRO B 280 -3.67 5.56 -22.72
N VAL B 281 -4.45 5.29 -23.78
CA VAL B 281 -5.60 4.41 -23.67
C VAL B 281 -5.15 3.07 -23.10
N VAL B 282 -5.78 2.66 -22.00
CA VAL B 282 -5.43 1.40 -21.35
C VAL B 282 -6.32 0.24 -21.77
N MET B 283 -7.53 0.54 -22.21
CA MET B 283 -8.48 -0.49 -22.65
C MET B 283 -8.78 -0.34 -24.13
N PRO B 284 -7.74 -0.45 -24.99
CA PRO B 284 -7.93 -0.31 -26.43
C PRO B 284 -9.10 -1.13 -26.99
N VAL B 285 -9.26 -2.35 -26.49
CA VAL B 285 -10.33 -3.22 -26.94
C VAL B 285 -11.71 -2.74 -26.52
N PHE B 286 -11.77 -2.00 -25.42
CA PHE B 286 -13.05 -1.49 -24.93
C PHE B 286 -13.44 -0.15 -25.52
N ASP B 287 -13.52 -0.12 -26.85
CA ASP B 287 -13.93 1.08 -27.58
C ASP B 287 -15.34 0.78 -28.08
N ARG B 288 -16.28 1.66 -27.79
CA ARG B 288 -17.67 1.45 -28.20
C ARG B 288 -17.84 1.30 -29.70
N ASN B 289 -16.82 1.67 -30.47
CA ASN B 289 -16.90 1.58 -31.92
C ASN B 289 -16.17 0.35 -32.47
N THR B 290 -15.68 -0.50 -31.58
CA THR B 290 -14.95 -1.67 -32.03
C THR B 290 -15.27 -2.94 -31.25
N CYS B 291 -15.56 -2.76 -29.98
CA CYS B 291 -15.82 -3.86 -29.06
C CYS B 291 -17.10 -4.68 -29.18
N SER B 292 -16.91 -5.99 -29.23
CA SER B 292 -18.01 -6.94 -29.29
C SER B 292 -18.23 -7.33 -27.84
N ILE B 293 -19.34 -6.89 -27.25
CA ILE B 293 -19.61 -7.21 -25.85
C ILE B 293 -19.69 -8.73 -25.59
N PRO B 294 -20.41 -9.51 -26.42
CA PRO B 294 -20.46 -10.95 -26.14
C PRO B 294 -19.08 -11.61 -26.16
N LYS B 295 -18.25 -11.26 -27.14
CA LYS B 295 -16.91 -11.84 -27.21
C LYS B 295 -16.06 -11.40 -26.00
N SER B 296 -16.21 -10.15 -25.59
CA SER B 296 -15.46 -9.63 -24.45
C SER B 296 -15.84 -10.39 -23.19
N GLN B 297 -17.13 -10.67 -23.03
CA GLN B 297 -17.60 -11.41 -21.87
C GLN B 297 -17.01 -12.82 -21.85
N ILE B 298 -17.01 -13.45 -23.01
CA ILE B 298 -16.45 -14.78 -23.15
C ILE B 298 -14.98 -14.79 -22.80
N SER B 299 -14.27 -13.77 -23.24
CA SER B 299 -12.84 -13.68 -22.98
C SER B 299 -12.62 -13.41 -21.48
N PHE B 300 -13.49 -12.57 -20.92
CA PHE B 300 -13.44 -12.22 -19.52
C PHE B 300 -13.67 -13.48 -18.68
N ILE B 301 -14.72 -14.21 -19.01
CA ILE B 301 -15.07 -15.44 -18.32
C ILE B 301 -13.94 -16.46 -18.40
N ASP B 302 -13.38 -16.65 -19.58
CA ASP B 302 -12.30 -17.63 -19.73
C ASP B 302 -11.04 -17.26 -18.96
N TYR B 303 -10.73 -15.96 -18.92
CA TYR B 303 -9.53 -15.50 -18.25
C TYR B 303 -9.59 -15.42 -16.72
N PHE B 304 -10.67 -14.89 -16.19
CA PHE B 304 -10.81 -14.76 -14.74
C PHE B 304 -11.82 -15.70 -14.08
N ILE B 305 -13.05 -15.68 -14.57
CA ILE B 305 -14.16 -16.43 -14.00
C ILE B 305 -14.06 -17.95 -13.88
N THR B 306 -13.81 -18.61 -15.00
CA THR B 306 -13.76 -20.06 -15.02
C THR B 306 -12.94 -20.76 -13.93
N ASP B 307 -11.66 -20.45 -13.83
CA ASP B 307 -10.83 -21.10 -12.83
C ASP B 307 -11.11 -20.67 -11.40
N MET B 308 -11.44 -19.39 -11.21
CA MET B 308 -11.73 -18.92 -9.86
C MET B 308 -12.98 -19.58 -9.31
N PHE B 309 -14.06 -19.62 -10.09
CA PHE B 309 -15.28 -20.24 -9.59
C PHE B 309 -15.19 -21.75 -9.49
N ASP B 310 -14.40 -22.38 -10.35
CA ASP B 310 -14.26 -23.83 -10.23
C ASP B 310 -13.63 -24.10 -8.84
N ALA B 311 -12.64 -23.30 -8.47
CA ALA B 311 -12.00 -23.49 -7.17
C ALA B 311 -12.98 -23.17 -6.01
N TRP B 312 -13.71 -22.08 -6.15
CA TRP B 312 -14.67 -21.66 -5.12
C TRP B 312 -15.76 -22.71 -5.00
N ASP B 313 -16.27 -23.15 -6.15
CA ASP B 313 -17.32 -24.17 -6.18
C ASP B 313 -16.86 -25.50 -5.59
N ALA B 314 -15.61 -25.86 -5.82
CA ALA B 314 -15.08 -27.12 -5.30
C ALA B 314 -15.03 -27.08 -3.78
N PHE B 315 -14.81 -25.90 -3.23
CA PHE B 315 -14.72 -25.72 -1.79
C PHE B 315 -16.09 -25.54 -1.11
N VAL B 316 -16.98 -24.79 -1.74
CA VAL B 316 -18.29 -24.51 -1.14
C VAL B 316 -19.49 -25.29 -1.69
N ASP B 317 -19.39 -25.75 -2.93
CA ASP B 317 -20.44 -26.50 -3.64
C ASP B 317 -21.51 -25.51 -4.05
N LEU B 318 -21.41 -25.04 -5.29
CA LEU B 318 -22.33 -24.04 -5.81
C LEU B 318 -22.87 -24.39 -7.19
N PRO B 319 -23.59 -25.52 -7.30
CA PRO B 319 -24.16 -25.97 -8.58
C PRO B 319 -25.01 -24.91 -9.32
N ASP B 320 -25.79 -24.14 -8.57
CA ASP B 320 -26.62 -23.08 -9.16
C ASP B 320 -25.77 -22.10 -9.96
N LEU B 321 -24.72 -21.60 -9.33
CA LEU B 321 -23.83 -20.65 -9.99
C LEU B 321 -23.15 -21.25 -11.20
N MET B 322 -22.65 -22.48 -11.08
CA MET B 322 -21.97 -23.11 -12.20
C MET B 322 -22.90 -23.41 -13.36
N GLN B 323 -24.15 -23.76 -13.08
CA GLN B 323 -25.09 -24.03 -14.16
C GLN B 323 -25.39 -22.73 -14.88
N HIS B 324 -25.55 -21.65 -14.12
CA HIS B 324 -25.82 -20.34 -14.71
C HIS B 324 -24.61 -19.89 -15.54
N LEU B 325 -23.42 -20.10 -15.00
CA LEU B 325 -22.21 -19.70 -15.71
C LEU B 325 -22.11 -20.43 -17.06
N ASP B 326 -22.47 -21.71 -17.06
CA ASP B 326 -22.43 -22.49 -18.29
C ASP B 326 -23.50 -22.01 -19.27
N ASN B 327 -24.72 -21.82 -18.77
CA ASN B 327 -25.81 -21.34 -19.63
C ASN B 327 -25.47 -19.98 -20.23
N ASN B 328 -24.91 -19.09 -19.40
CA ASN B 328 -24.55 -17.76 -19.86
C ASN B 328 -23.41 -17.81 -20.87
N PHE B 329 -22.42 -18.67 -20.62
CA PHE B 329 -21.30 -18.79 -21.52
C PHE B 329 -21.83 -19.21 -22.90
N LYS B 330 -22.76 -20.17 -22.89
CA LYS B 330 -23.34 -20.66 -24.14
C LYS B 330 -24.14 -19.57 -24.84
N TYR B 331 -24.84 -18.75 -24.06
CA TYR B 331 -25.63 -17.67 -24.64
C TYR B 331 -24.72 -16.72 -25.43
N TRP B 332 -23.63 -16.28 -24.82
CA TRP B 332 -22.71 -15.37 -25.50
C TRP B 332 -22.14 -16.04 -26.75
N LYS B 333 -21.87 -17.34 -26.66
CA LYS B 333 -21.34 -18.11 -27.79
C LYS B 333 -22.41 -18.19 -28.87
N GLY B 334 -23.65 -18.44 -28.44
CA GLY B 334 -24.76 -18.56 -29.36
C GLY B 334 -25.13 -17.26 -30.08
N LEU B 335 -24.83 -16.13 -29.46
CA LEU B 335 -25.15 -14.84 -30.06
C LEU B 335 -24.40 -14.63 -31.37
N ASP B 336 -23.29 -15.33 -31.54
CA ASP B 336 -22.48 -15.20 -32.74
C ASP B 336 -23.39 -15.17 -33.97
N GLU B 337 -24.18 -16.23 -34.13
CA GLU B 337 -25.13 -16.35 -35.24
C GLU B 337 -24.49 -16.11 -36.61
N MET B 338 -23.19 -15.87 -36.64
CA MET B 338 -22.48 -15.61 -37.88
C MET B 338 -21.49 -16.73 -38.23
N9 IBM C . 15.86 4.07 13.52
C8 IBM C . 16.86 4.95 13.15
N7 IBM C . 17.75 5.15 14.09
C5 IBM C . 17.32 4.34 15.14
C4 IBM C . 16.15 3.68 14.80
N3 IBM C . 15.44 2.83 15.57
C2 IBM C . 15.97 2.60 16.81
N1 IBM C . 17.14 3.23 17.24
C6 IBM C . 17.81 4.10 16.41
O6 IBM C . 18.85 4.65 16.79
O2 IBM C . 15.40 1.83 17.57
C10 IBM C . 17.66 2.97 18.57
C11 IBM C . 14.18 2.23 15.12
C12 IBM C . 14.41 0.79 14.67
C13 IBM C . 14.10 -0.18 15.81
C14 IBM C . 13.54 0.48 13.46
ZN ZN D . 14.80 8.80 7.76
MG MG E . 10.91 7.33 7.50
N9 IBM F . -15.04 -6.51 -13.84
C8 IBM F . -16.34 -6.81 -13.50
N7 IBM F . -17.08 -7.17 -14.52
C5 IBM F . -16.21 -7.11 -15.60
C4 IBM F . -14.95 -6.71 -15.21
N3 IBM F . -13.86 -6.53 -15.99
C2 IBM F . -14.05 -6.81 -17.31
N1 IBM F . -15.30 -7.22 -17.80
C6 IBM F . -16.37 -7.37 -16.96
O6 IBM F . -17.46 -7.73 -17.39
O2 IBM F . -13.11 -6.70 -18.08
C10 IBM F . -15.46 -7.49 -19.23
C11 IBM F . -12.59 -6.04 -15.46
C12 IBM F . -11.63 -7.20 -15.20
C13 IBM F . -10.77 -7.49 -16.42
C14 IBM F . -10.74 -6.87 -14.00
ZN ZN G . -17.00 -4.13 -7.11
MG MG H . -13.33 -2.16 -6.66
#